data_7CU1
#
_entry.id   7CU1
#
_cell.length_a   53.553
_cell.length_b   118.151
_cell.length_c   82.863
_cell.angle_alpha   90.000
_cell.angle_beta   100.880
_cell.angle_gamma   90.000
#
_symmetry.space_group_name_H-M   'P 1 21 1'
#
loop_
_entity.id
_entity.type
_entity.pdbx_description
1 polymer 'Tryptophan 6-halogenase'
2 non-polymer 'FLAVIN-ADENINE DINUCLEOTIDE'
3 non-polymer 'ADENOSINE MONOPHOSPHATE'
4 water water
#
_entity_poly.entity_id   1
_entity_poly.type   'polypeptide(L)'
_entity_poly.pdbx_seq_one_letter_code
;MGSSHHHHHHSSGLVPRGSHMDNRIKTVVILGGGTAGWMTAAYLGKALQNTVKIVVLEAPTIPRIGVGEATVPNLQRAFF
DYLGIPEEEWMRECNASYKMAVKFINWRTPGEGSPDPRTLDDGHTDTFHHPFGLLPSADQIPLSHYWAAKRLQGETDENF
DEACFADTAIMNAKKAPRFLDMRRATNYAWHFDASKVAAFLRNFAVTKQAVEHVEDEMTEVLTDERGFITALRTKSGRIL
QGDLFVDCSGFRGLLINKAMEEPFIDMSDHLLCNSAVATAVPHDDEKNGVEPYTSSIAMEAGWTWKIPMLGRFGSGHVYS
DHFATQDEATLAFSKLWGLDPDNTEFNHVRFRVGRNRRAWVRNCVSVGLASCFVEPLESSGIYFIYAAIHMLAKHFPDKT
FDKVLVDRFNREIEEMFDDTRDFLQAHYYFSPRVDTPFWRANKELKLADSIKDKVETYRAGLPVNLPVTDEGTYYGNFEA
EFRNFWTNGSYYCIFAGLGLMPRNPLPALAYKPQSIAEAELLFADVKRKGDTLVESLPSTYDLLRQLHGAS
;
_entity_poly.pdbx_strand_id   A,B
#
loop_
_chem_comp.id
_chem_comp.type
_chem_comp.name
_chem_comp.formula
AMP non-polymer 'ADENOSINE MONOPHOSPHATE' 'C10 H14 N5 O7 P'
FAD non-polymer 'FLAVIN-ADENINE DINUCLEOTIDE' 'C27 H33 N9 O15 P2'
#
# COMPACT_ATOMS: atom_id res chain seq x y z
N SER A 12 -12.79 19.99 29.98
CA SER A 12 -12.78 18.84 29.04
C SER A 12 -13.23 19.24 27.62
N GLY A 13 -13.94 20.38 27.48
CA GLY A 13 -14.49 20.80 26.17
C GLY A 13 -13.43 21.34 25.21
N LEU A 14 -13.69 21.21 23.91
CA LEU A 14 -12.90 21.84 22.85
C LEU A 14 -12.90 23.37 23.05
N VAL A 15 -11.72 23.98 22.93
CA VAL A 15 -11.52 25.44 23.02
C VAL A 15 -11.02 25.91 21.65
N PRO A 16 -11.87 26.59 20.86
CA PRO A 16 -11.44 27.18 19.60
C PRO A 16 -10.25 28.12 19.82
N ARG A 17 -9.28 28.06 18.90
CA ARG A 17 -8.10 28.91 18.94
C ARG A 17 -8.49 30.33 18.54
N GLY A 18 -7.71 31.32 19.01
CA GLY A 18 -8.07 32.75 18.91
C GLY A 18 -8.50 33.17 17.51
N SER A 19 -9.36 34.21 17.44
CA SER A 19 -9.60 34.95 16.20
C SER A 19 -8.25 35.48 15.69
N HIS A 20 -7.75 34.87 14.62
CA HIS A 20 -6.54 35.28 13.86
C HIS A 20 -6.02 36.63 14.38
N MET A 21 -4.79 36.75 14.94
CA MET A 21 -3.61 35.89 14.95
C MET A 21 -3.47 34.95 13.73
N ASP A 22 -2.62 35.41 12.80
CA ASP A 22 -2.15 34.65 11.66
C ASP A 22 -0.78 34.05 12.01
N ASN A 23 -0.71 32.73 12.18
CA ASN A 23 0.56 32.08 12.51
C ASN A 23 1.17 31.40 11.28
N ARG A 24 0.72 31.73 10.07
CA ARG A 24 1.21 31.04 8.87
C ARG A 24 2.63 31.50 8.51
N ILE A 25 3.33 30.62 7.79
CA ILE A 25 4.42 30.98 6.89
C ILE A 25 3.91 32.08 5.96
N LYS A 26 4.63 33.20 5.87
CA LYS A 26 4.29 34.32 4.98
C LYS A 26 5.17 34.33 3.72
N THR A 27 6.44 33.93 3.87
CA THR A 27 7.41 33.91 2.76
C THR A 27 8.18 32.59 2.75
N VAL A 28 8.22 31.97 1.59
CA VAL A 28 9.09 30.87 1.35
C VAL A 28 10.21 31.34 0.44
N VAL A 29 11.45 31.09 0.86
CA VAL A 29 12.60 31.34 0.00
C VAL A 29 13.16 30.00 -0.45
N ILE A 30 13.28 29.85 -1.77
CA ILE A 30 13.92 28.69 -2.40
C ILE A 30 15.30 29.13 -2.91
N LEU A 31 16.34 28.49 -2.36
CA LEU A 31 17.69 28.67 -2.81
C LEU A 31 17.96 27.68 -3.94
N GLY A 32 18.12 28.19 -5.17
CA GLY A 32 18.52 27.34 -6.30
C GLY A 32 17.54 27.44 -7.46
N GLY A 33 18.08 27.48 -8.68
CA GLY A 33 17.29 27.57 -9.91
C GLY A 33 17.60 26.47 -10.91
N GLY A 34 17.82 25.26 -10.42
CA GLY A 34 17.84 24.08 -11.30
C GLY A 34 16.43 23.56 -11.51
N THR A 35 16.32 22.29 -11.88
CA THR A 35 15.01 21.70 -11.99
C THR A 35 14.37 21.62 -10.60
N ALA A 36 15.15 21.39 -9.54
CA ALA A 36 14.58 21.23 -8.21
C ALA A 36 13.94 22.53 -7.75
N GLY A 37 14.70 23.63 -7.90
CA GLY A 37 14.28 24.97 -7.56
C GLY A 37 12.97 25.34 -8.24
N TRP A 38 12.90 25.17 -9.57
CA TRP A 38 11.76 25.67 -10.30
C TRP A 38 10.58 24.70 -10.20
N MET A 39 10.85 23.39 -10.05
CA MET A 39 9.79 22.45 -9.77
C MET A 39 9.11 22.81 -8.43
N THR A 40 9.93 23.14 -7.44
CA THR A 40 9.46 23.51 -6.08
C THR A 40 8.62 24.78 -6.20
N ALA A 41 9.15 25.77 -6.93
CA ALA A 41 8.49 27.07 -7.05
C ALA A 41 7.12 26.91 -7.74
N ALA A 42 7.08 26.15 -8.84
CA ALA A 42 5.82 25.93 -9.59
C ALA A 42 4.77 25.24 -8.71
N TYR A 43 5.18 24.16 -8.04
CA TYR A 43 4.26 23.30 -7.30
C TYR A 43 3.75 23.98 -6.03
N LEU A 44 4.64 24.60 -5.26
CA LEU A 44 4.21 25.34 -4.07
C LEU A 44 3.35 26.54 -4.48
N GLY A 45 3.68 27.18 -5.61
CA GLY A 45 2.83 28.23 -6.14
C GLY A 45 1.40 27.74 -6.35
N LYS A 46 1.25 26.55 -6.94
CA LYS A 46 -0.08 25.98 -7.16
C LYS A 46 -0.71 25.61 -5.80
N ALA A 47 0.07 24.98 -4.92
CA ALA A 47 -0.44 24.36 -3.69
C ALA A 47 -0.92 25.43 -2.72
N LEU A 48 -0.25 26.58 -2.69
CA LEU A 48 -0.47 27.57 -1.59
C LEU A 48 -1.36 28.75 -2.01
N GLN A 49 -1.92 28.69 -3.23
CA GLN A 49 -3.11 29.47 -3.59
C GLN A 49 -2.91 30.97 -3.29
N ASN A 50 -1.70 31.46 -3.58
CA ASN A 50 -1.37 32.90 -3.50
C ASN A 50 -1.48 33.42 -2.06
N THR A 51 -1.37 32.54 -1.05
CA THR A 51 -1.43 32.94 0.34
C THR A 51 -0.02 33.16 0.91
N VAL A 52 1.00 32.76 0.16
CA VAL A 52 2.41 32.85 0.56
C VAL A 52 3.20 33.54 -0.57
N LYS A 53 4.12 34.43 -0.20
CA LYS A 53 5.10 34.96 -1.15
C LYS A 53 6.21 33.89 -1.37
N ILE A 54 6.49 33.62 -2.63
CA ILE A 54 7.56 32.69 -2.98
C ILE A 54 8.66 33.44 -3.74
N VAL A 55 9.89 33.27 -3.27
CA VAL A 55 11.07 33.89 -3.84
C VAL A 55 12.02 32.76 -4.23
N VAL A 56 12.50 32.79 -5.48
CA VAL A 56 13.60 31.90 -5.87
C VAL A 56 14.88 32.73 -6.00
N LEU A 57 15.88 32.39 -5.19
CA LEU A 57 17.23 32.97 -5.27
C LEU A 57 18.14 31.98 -5.99
N GLU A 58 18.69 32.40 -7.13
CA GLU A 58 19.56 31.55 -7.95
C GLU A 58 20.66 32.42 -8.57
N ALA A 59 21.89 31.90 -8.53
CA ALA A 59 23.06 32.54 -9.07
C ALA A 59 23.26 32.12 -10.53
N PRO A 60 23.09 33.02 -11.51
CA PRO A 60 23.39 32.71 -12.91
C PRO A 60 24.84 32.22 -13.07
N THR A 61 25.67 32.70 -12.14
CA THR A 61 27.11 32.61 -12.11
C THR A 61 27.59 31.23 -11.62
N ILE A 62 26.67 30.43 -11.05
CA ILE A 62 26.96 29.07 -10.58
C ILE A 62 26.09 28.11 -11.40
N PRO A 63 26.68 27.35 -12.35
CA PRO A 63 25.91 26.52 -13.27
C PRO A 63 25.10 25.43 -12.56
N ARG A 64 23.89 25.17 -13.06
CA ARG A 64 23.13 24.00 -12.63
C ARG A 64 23.89 22.74 -13.10
N ILE A 65 23.45 21.55 -12.64
CA ILE A 65 24.23 20.35 -12.85
C ILE A 65 24.28 20.05 -14.36
N GLY A 66 23.22 20.42 -15.09
CA GLY A 66 23.20 20.38 -16.57
C GLY A 66 22.87 18.99 -17.11
N VAL A 67 22.39 18.10 -16.24
CA VAL A 67 21.93 16.75 -16.57
C VAL A 67 20.55 16.55 -15.94
N GLY A 68 20.00 15.35 -16.09
CA GLY A 68 18.71 14.96 -15.54
C GLY A 68 17.66 14.98 -16.62
N GLU A 69 17.71 13.99 -17.52
CA GLU A 69 16.96 14.04 -18.74
C GLU A 69 16.05 12.81 -18.97
N ALA A 70 16.05 11.81 -18.08
CA ALA A 70 15.12 10.69 -18.19
C ALA A 70 14.27 10.63 -16.92
N THR A 71 13.09 10.01 -17.00
CA THR A 71 12.09 10.06 -15.95
C THR A 71 11.48 8.67 -15.73
N VAL A 72 10.50 8.62 -14.81
CA VAL A 72 9.72 7.43 -14.60
C VAL A 72 8.27 7.79 -14.86
N PRO A 73 7.37 6.79 -15.01
CA PRO A 73 6.07 7.04 -15.62
C PRO A 73 5.06 7.87 -14.82
N ASN A 74 5.35 8.16 -13.54
CA ASN A 74 4.42 8.84 -12.62
C ASN A 74 4.58 10.37 -12.69
N LEU A 75 5.50 10.85 -13.53
CA LEU A 75 5.79 12.29 -13.60
C LEU A 75 4.55 13.11 -13.93
N GLN A 76 3.68 12.61 -14.83
CA GLN A 76 2.48 13.37 -15.25
C GLN A 76 1.44 13.41 -14.11
N ARG A 77 1.14 12.23 -13.54
CA ARG A 77 0.12 12.03 -12.49
C ARG A 77 0.49 12.76 -11.18
N ALA A 78 1.78 12.80 -10.83
CA ALA A 78 2.21 13.28 -9.51
C ALA A 78 2.61 14.74 -9.52
N PHE A 79 2.96 15.28 -10.70
CA PHE A 79 3.53 16.59 -10.80
C PHE A 79 2.78 17.49 -11.79
N PHE A 80 2.87 17.20 -13.08
CA PHE A 80 2.29 18.09 -14.10
C PHE A 80 0.76 18.16 -13.97
N ASP A 81 0.13 17.03 -13.61
CA ASP A 81 -1.32 17.02 -13.35
C ASP A 81 -1.69 18.02 -12.24
N TYR A 82 -0.85 18.14 -11.19
CA TYR A 82 -1.13 19.04 -10.07
C TYR A 82 -1.07 20.49 -10.55
N LEU A 83 -0.16 20.76 -11.49
CA LEU A 83 0.04 22.11 -12.05
C LEU A 83 -1.07 22.46 -13.05
N GLY A 84 -1.79 21.44 -13.54
CA GLY A 84 -2.83 21.59 -14.55
C GLY A 84 -2.24 21.76 -15.94
N ILE A 85 -1.07 21.15 -16.17
CA ILE A 85 -0.36 21.21 -17.45
C ILE A 85 -0.49 19.85 -18.13
N PRO A 86 -1.27 19.77 -19.24
CA PRO A 86 -1.43 18.54 -20.01
C PRO A 86 -0.09 18.07 -20.62
N GLU A 87 0.02 16.74 -20.78
CA GLU A 87 1.25 16.07 -21.20
C GLU A 87 1.86 16.74 -22.43
N GLU A 88 1.06 16.87 -23.50
CA GLU A 88 1.55 17.32 -24.78
C GLU A 88 2.08 18.75 -24.68
N GLU A 89 1.50 19.56 -23.77
CA GLU A 89 1.90 20.98 -23.66
C GLU A 89 3.34 21.12 -23.15
N TRP A 90 3.70 20.43 -22.06
CA TRP A 90 5.08 20.62 -21.54
C TRP A 90 6.09 19.89 -22.43
N MET A 91 5.67 18.77 -23.03
CA MET A 91 6.53 17.98 -23.91
C MET A 91 7.00 18.88 -25.07
N ARG A 92 6.08 19.71 -25.57
CA ARG A 92 6.30 20.58 -26.72
C ARG A 92 7.31 21.70 -26.39
N GLU A 93 7.50 22.03 -25.11
CA GLU A 93 8.43 23.12 -24.71
C GLU A 93 9.81 22.58 -24.32
N CYS A 94 9.99 21.26 -24.16
CA CYS A 94 11.30 20.71 -23.76
C CYS A 94 11.75 19.54 -24.65
N ASN A 95 11.38 19.60 -25.92
CA ASN A 95 11.88 18.66 -26.91
C ASN A 95 11.80 17.25 -26.33
N ALA A 96 10.65 16.90 -25.75
CA ALA A 96 10.47 15.66 -25.04
C ALA A 96 10.38 14.49 -26.01
N SER A 97 10.71 13.31 -25.50
CA SER A 97 10.51 12.08 -26.22
C SER A 97 10.03 10.98 -25.24
N TYR A 98 9.90 9.76 -25.75
CA TYR A 98 9.22 8.69 -25.06
C TYR A 98 10.25 7.66 -24.56
N LYS A 99 10.06 7.18 -23.32
CA LYS A 99 10.91 6.20 -22.70
C LYS A 99 10.03 5.02 -22.27
N MET A 100 10.10 3.92 -23.01
CA MET A 100 9.30 2.77 -22.69
C MET A 100 10.06 1.85 -21.72
N ALA A 101 11.37 2.10 -21.55
CA ALA A 101 12.23 1.25 -20.76
C ALA A 101 13.62 1.88 -20.58
N VAL A 102 14.39 1.27 -19.68
CA VAL A 102 15.83 1.30 -19.71
C VAL A 102 16.27 -0.04 -20.32
N LYS A 103 17.09 0.05 -21.37
CA LYS A 103 17.65 -1.11 -22.05
C LYS A 103 19.10 -1.27 -21.62
N PHE A 104 19.42 -2.41 -21.00
CA PHE A 104 20.74 -2.72 -20.48
C PHE A 104 21.54 -3.45 -21.57
N ILE A 105 22.67 -2.84 -22.00
CA ILE A 105 23.55 -3.40 -23.01
C ILE A 105 24.89 -3.79 -22.37
N ASN A 106 25.29 -5.05 -22.58
CA ASN A 106 26.64 -5.51 -22.24
C ASN A 106 26.87 -5.57 -20.73
N TRP A 107 25.79 -5.66 -19.94
CA TRP A 107 25.90 -5.80 -18.47
C TRP A 107 26.32 -7.23 -18.04
N ARG A 108 26.22 -8.19 -18.95
CA ARG A 108 26.46 -9.58 -18.59
C ARG A 108 27.78 -10.08 -19.19
N THR A 109 28.37 -9.32 -20.13
CA THR A 109 29.55 -9.75 -20.86
C THR A 109 30.69 -8.78 -20.60
N PRO A 110 31.93 -9.30 -20.48
CA PRO A 110 33.08 -8.46 -20.16
C PRO A 110 33.64 -7.73 -21.39
N GLY A 111 34.46 -6.71 -21.13
CA GLY A 111 35.23 -6.04 -22.16
C GLY A 111 35.00 -4.55 -22.15
N GLU A 112 35.45 -3.90 -23.23
CA GLU A 112 35.40 -2.44 -23.41
C GLU A 112 33.95 -1.97 -23.61
N GLY A 113 33.72 -0.67 -23.38
CA GLY A 113 32.46 -0.05 -23.73
C GLY A 113 32.24 -0.04 -25.24
N SER A 114 31.06 -0.51 -25.66
CA SER A 114 30.60 -0.46 -27.02
C SER A 114 29.09 -0.23 -27.02
N PRO A 115 28.57 0.57 -27.97
CA PRO A 115 27.12 0.78 -28.09
C PRO A 115 26.42 -0.48 -28.63
N ASP A 116 27.21 -1.37 -29.26
CA ASP A 116 26.68 -2.58 -29.91
C ASP A 116 26.72 -3.76 -28.94
N PRO A 117 25.61 -4.51 -28.79
CA PRO A 117 25.59 -5.66 -27.90
C PRO A 117 26.55 -6.77 -28.34
N ARG A 118 27.29 -7.32 -27.38
CA ARG A 118 28.08 -8.51 -27.58
C ARG A 118 27.14 -9.72 -27.64
N THR A 119 27.70 -10.88 -27.98
CA THR A 119 26.91 -12.11 -28.05
C THR A 119 27.10 -12.89 -26.76
N LEU A 120 25.98 -13.31 -26.15
CA LEU A 120 25.98 -14.23 -25.02
C LEU A 120 26.35 -15.63 -25.52
N ASP A 121 26.61 -16.54 -24.58
CA ASP A 121 26.93 -17.96 -24.89
C ASP A 121 25.76 -18.65 -25.59
N ASP A 122 24.53 -18.19 -25.29
CA ASP A 122 23.31 -18.76 -25.83
C ASP A 122 23.06 -18.25 -27.27
N GLY A 123 23.86 -17.30 -27.76
CA GLY A 123 23.71 -16.77 -29.15
C GLY A 123 22.91 -15.46 -29.25
N HIS A 124 22.07 -15.16 -28.25
CA HIS A 124 21.27 -13.91 -28.18
C HIS A 124 22.20 -12.72 -27.83
N THR A 125 21.86 -11.52 -28.33
CA THR A 125 22.59 -10.27 -28.03
C THR A 125 22.56 -10.03 -26.51
N ASP A 126 23.60 -9.40 -25.95
CA ASP A 126 23.61 -9.06 -24.52
C ASP A 126 22.81 -7.77 -24.33
N THR A 127 21.48 -7.89 -24.40
CA THR A 127 20.54 -6.84 -24.06
C THR A 127 19.44 -7.44 -23.18
N PHE A 128 18.90 -6.62 -22.27
CA PHE A 128 17.65 -6.91 -21.57
C PHE A 128 17.01 -5.58 -21.17
N HIS A 129 15.69 -5.56 -21.19
CA HIS A 129 14.91 -4.38 -21.04
C HIS A 129 14.25 -4.39 -19.65
N HIS A 130 14.13 -3.20 -19.09
CA HIS A 130 13.29 -2.95 -17.96
C HIS A 130 12.18 -2.02 -18.40
N PRO A 131 11.06 -2.56 -18.95
CA PRO A 131 9.94 -1.74 -19.40
C PRO A 131 8.98 -1.38 -18.25
N PHE A 132 8.03 -0.48 -18.53
CA PHE A 132 7.09 0.03 -17.57
C PHE A 132 5.72 -0.62 -17.74
N GLY A 133 5.55 -1.44 -18.79
CA GLY A 133 4.28 -2.18 -18.96
C GLY A 133 3.91 -2.95 -17.71
N LEU A 134 2.61 -3.01 -17.38
CA LEU A 134 2.09 -3.88 -16.32
C LEU A 134 2.13 -5.33 -16.83
N LEU A 135 2.49 -6.27 -15.94
CA LEU A 135 2.43 -7.68 -16.24
C LEU A 135 1.00 -8.16 -15.97
N PRO A 136 0.39 -8.90 -16.90
CA PRO A 136 -0.95 -9.46 -16.66
C PRO A 136 -0.79 -10.63 -15.67
N SER A 137 -1.92 -11.06 -15.10
CA SER A 137 -1.97 -12.18 -14.15
C SER A 137 -2.95 -13.24 -14.63
N ALA A 138 -2.71 -14.47 -14.15
CA ALA A 138 -3.62 -15.58 -14.21
C ALA A 138 -3.68 -16.21 -12.83
N ASP A 139 -4.90 -16.36 -12.32
CA ASP A 139 -5.17 -16.97 -11.03
C ASP A 139 -4.38 -16.24 -9.94
N GLN A 140 -4.33 -14.90 -10.06
CA GLN A 140 -3.75 -13.97 -9.05
C GLN A 140 -2.23 -14.18 -8.96
N ILE A 141 -1.59 -14.68 -10.04
CA ILE A 141 -0.14 -14.91 -10.11
C ILE A 141 0.39 -14.20 -11.36
N PRO A 142 1.39 -13.30 -11.22
CA PRO A 142 1.86 -12.54 -12.39
C PRO A 142 2.63 -13.40 -13.41
N LEU A 143 2.61 -12.94 -14.67
CA LEU A 143 3.10 -13.71 -15.82
C LEU A 143 4.56 -14.09 -15.61
N SER A 144 5.32 -13.22 -14.93
CA SER A 144 6.71 -13.47 -14.54
C SER A 144 6.91 -14.88 -13.95
N HIS A 145 5.96 -15.34 -13.14
CA HIS A 145 6.15 -16.57 -12.37
C HIS A 145 5.94 -17.82 -13.22
N TYR A 146 5.03 -17.71 -14.18
CA TYR A 146 4.75 -18.74 -15.12
C TYR A 146 5.95 -18.88 -16.06
N TRP A 147 6.56 -17.73 -16.41
CA TRP A 147 7.80 -17.70 -17.21
C TRP A 147 8.92 -18.40 -16.43
N ALA A 148 9.15 -17.94 -15.20
CA ALA A 148 10.21 -18.50 -14.37
C ALA A 148 10.02 -20.02 -14.22
N ALA A 149 8.77 -20.48 -14.08
CA ALA A 149 8.51 -21.91 -13.90
C ALA A 149 8.97 -22.69 -15.15
N LYS A 150 8.53 -22.21 -16.31
CA LYS A 150 8.91 -22.76 -17.57
C LYS A 150 10.42 -22.74 -17.75
N ARG A 151 11.09 -21.64 -17.41
CA ARG A 151 12.53 -21.53 -17.62
C ARG A 151 13.26 -22.55 -16.74
N LEU A 152 12.85 -22.65 -15.47
CA LEU A 152 13.48 -23.54 -14.51
C LEU A 152 13.13 -25.01 -14.80
N GLN A 153 11.98 -25.27 -15.43
CA GLN A 153 11.54 -26.65 -15.71
C GLN A 153 12.12 -27.12 -17.06
N GLY A 154 12.92 -26.28 -17.73
CA GLY A 154 13.55 -26.57 -19.03
C GLY A 154 12.54 -26.57 -20.17
N GLU A 155 11.47 -25.77 -20.02
CA GLU A 155 10.28 -25.80 -20.91
C GLU A 155 10.29 -24.61 -21.88
N THR A 156 11.24 -23.67 -21.71
CA THR A 156 11.47 -22.51 -22.65
C THR A 156 12.92 -22.03 -22.46
N ASP A 157 13.51 -21.50 -23.53
CA ASP A 157 14.83 -20.88 -23.51
C ASP A 157 14.68 -19.35 -23.54
N GLU A 158 13.43 -18.90 -23.58
CA GLU A 158 13.10 -17.54 -23.97
C GLU A 158 13.44 -16.58 -22.81
N ASN A 159 13.83 -15.36 -23.17
CA ASN A 159 14.20 -14.35 -22.21
C ASN A 159 12.93 -13.77 -21.61
N PHE A 160 13.05 -13.29 -20.36
CA PHE A 160 11.92 -12.72 -19.62
C PHE A 160 11.26 -11.57 -20.38
N ASP A 161 12.05 -10.57 -20.76
CA ASP A 161 11.55 -9.34 -21.39
C ASP A 161 10.79 -9.68 -22.68
N GLU A 162 11.35 -10.59 -23.47
CA GLU A 162 10.77 -11.01 -24.77
C GLU A 162 9.44 -11.76 -24.53
N ALA A 163 9.41 -12.64 -23.52
CA ALA A 163 8.22 -13.47 -23.29
C ALA A 163 7.08 -12.65 -22.67
N CYS A 164 7.40 -11.65 -21.85
CA CYS A 164 6.42 -11.09 -20.94
C CYS A 164 5.91 -9.69 -21.30
N PHE A 165 6.57 -8.96 -22.22
CA PHE A 165 6.12 -7.61 -22.61
C PHE A 165 6.16 -7.44 -24.14
N ALA A 166 5.01 -7.09 -24.73
CA ALA A 166 4.90 -6.73 -26.14
C ALA A 166 5.84 -5.57 -26.41
N ASP A 167 6.04 -4.76 -25.36
CA ASP A 167 6.84 -3.55 -25.42
C ASP A 167 8.22 -3.86 -25.99
N THR A 168 8.73 -5.07 -25.71
CA THR A 168 10.06 -5.46 -26.13
C THR A 168 10.16 -5.45 -27.66
N ALA A 169 9.22 -6.14 -28.31
CA ALA A 169 9.08 -6.15 -29.78
C ALA A 169 8.97 -4.72 -30.32
N ILE A 170 8.11 -3.91 -29.68
CA ILE A 170 7.83 -2.54 -30.12
C ILE A 170 9.15 -1.75 -30.10
N MET A 171 9.92 -1.91 -29.01
CA MET A 171 11.16 -1.17 -28.82
C MET A 171 12.25 -1.65 -29.79
N ASN A 172 12.28 -2.96 -30.07
CA ASN A 172 13.20 -3.55 -31.04
C ASN A 172 12.98 -2.91 -32.42
N ALA A 173 11.72 -2.56 -32.73
CA ALA A 173 11.39 -1.96 -34.01
C ALA A 173 11.46 -0.42 -33.95
N LYS A 174 11.74 0.11 -32.74
CA LYS A 174 11.85 1.55 -32.46
C LYS A 174 10.51 2.25 -32.71
N LYS A 175 9.39 1.53 -32.55
CA LYS A 175 8.09 2.14 -32.72
C LYS A 175 7.71 2.87 -31.43
N ALA A 176 6.73 3.77 -31.57
CA ALA A 176 6.28 4.66 -30.52
C ALA A 176 5.30 3.98 -29.57
N PRO A 177 5.15 4.51 -28.34
CA PRO A 177 4.16 4.00 -27.40
C PRO A 177 2.74 4.54 -27.60
N ARG A 178 2.55 5.37 -28.63
CA ARG A 178 1.22 5.85 -29.04
C ARG A 178 1.11 5.85 -30.57
N PHE A 179 -0.12 5.66 -31.06
CA PHE A 179 -0.48 5.80 -32.49
C PHE A 179 -0.50 7.30 -32.85
N LEU A 180 -0.60 7.61 -34.14
CA LEU A 180 -0.65 9.02 -34.61
C LEU A 180 -1.95 9.72 -34.19
N ASP A 181 -3.02 8.95 -33.91
CA ASP A 181 -4.28 9.48 -33.37
C ASP A 181 -4.14 9.68 -31.84
N MET A 182 -2.97 9.29 -31.30
CA MET A 182 -2.45 9.49 -29.93
C MET A 182 -3.16 8.59 -28.92
N ARG A 183 -3.78 7.50 -29.39
CA ARG A 183 -4.25 6.42 -28.55
C ARG A 183 -3.02 5.73 -27.93
N ARG A 184 -3.12 5.32 -26.66
CA ARG A 184 -1.99 4.71 -25.96
C ARG A 184 -1.87 3.25 -26.41
N ALA A 185 -0.63 2.82 -26.67
CA ALA A 185 -0.37 1.42 -26.94
C ALA A 185 0.28 0.77 -25.71
N THR A 186 1.07 1.54 -24.97
CA THR A 186 1.69 1.02 -23.76
C THR A 186 1.97 2.12 -22.75
N ASN A 187 2.43 1.69 -21.57
CA ASN A 187 2.94 2.58 -20.54
C ASN A 187 4.33 3.09 -20.99
N TYR A 188 4.66 4.31 -20.59
CA TYR A 188 5.97 4.89 -20.86
C TYR A 188 6.21 6.00 -19.84
N ALA A 189 7.44 6.51 -19.82
CA ALA A 189 7.81 7.77 -19.18
C ALA A 189 8.48 8.63 -20.26
N TRP A 190 9.32 9.60 -19.87
CA TRP A 190 9.77 10.63 -20.79
C TRP A 190 11.29 10.82 -20.75
N HIS A 191 11.78 11.29 -21.90
CA HIS A 191 13.03 11.95 -22.03
C HIS A 191 12.73 13.42 -22.28
N PHE A 192 13.62 14.30 -21.83
CA PHE A 192 13.39 15.69 -22.09
C PHE A 192 14.70 16.45 -21.90
N ASP A 193 14.71 17.66 -22.47
CA ASP A 193 15.82 18.55 -22.33
C ASP A 193 15.69 19.24 -20.96
N ALA A 194 16.67 19.03 -20.08
CA ALA A 194 16.61 19.45 -18.68
C ALA A 194 16.61 20.98 -18.58
N SER A 195 17.47 21.62 -19.36
CA SER A 195 17.56 23.08 -19.47
C SER A 195 16.21 23.65 -19.90
N LYS A 196 15.56 23.02 -20.89
CA LYS A 196 14.29 23.52 -21.41
C LYS A 196 13.17 23.32 -20.38
N VAL A 197 13.19 22.21 -19.65
CA VAL A 197 12.14 21.94 -18.65
C VAL A 197 12.19 23.02 -17.57
N ALA A 198 13.40 23.29 -17.08
CA ALA A 198 13.64 24.30 -16.07
C ALA A 198 13.13 25.68 -16.53
N ALA A 199 13.47 26.06 -17.78
CA ALA A 199 13.07 27.37 -18.33
C ALA A 199 11.54 27.41 -18.40
N PHE A 200 10.94 26.28 -18.82
CA PHE A 200 9.50 26.18 -18.92
C PHE A 200 8.85 26.37 -17.55
N LEU A 201 9.40 25.72 -16.52
CA LEU A 201 8.84 25.81 -15.16
C LEU A 201 9.13 27.19 -14.53
N ARG A 202 10.29 27.78 -14.84
CA ARG A 202 10.57 29.14 -14.42
C ARG A 202 9.53 30.10 -15.00
N ASN A 203 9.24 30.01 -16.30
CA ASN A 203 8.30 30.91 -16.94
C ASN A 203 6.92 30.69 -16.28
N PHE A 204 6.55 29.43 -16.04
CA PHE A 204 5.27 29.08 -15.42
C PHE A 204 5.19 29.70 -14.01
N ALA A 205 6.25 29.51 -13.22
CA ALA A 205 6.31 29.98 -11.83
C ALA A 205 6.18 31.51 -11.80
N VAL A 206 6.93 32.21 -12.66
CA VAL A 206 6.99 33.68 -12.66
C VAL A 206 5.69 34.26 -13.25
N THR A 207 5.20 33.72 -14.37
CA THR A 207 4.13 34.39 -15.10
C THR A 207 2.75 33.92 -14.60
N LYS A 208 2.67 32.72 -14.02
CA LYS A 208 1.36 32.15 -13.64
C LYS A 208 1.22 32.00 -12.11
N GLN A 209 2.33 31.88 -11.37
CA GLN A 209 2.27 31.58 -9.91
C GLN A 209 2.95 32.69 -9.06
N ALA A 210 3.15 33.86 -9.65
CA ALA A 210 3.55 35.07 -8.93
C ALA A 210 4.88 34.90 -8.19
N VAL A 211 5.75 34.00 -8.65
CA VAL A 211 7.01 33.75 -7.96
C VAL A 211 7.98 34.90 -8.26
N GLU A 212 8.68 35.38 -7.23
CA GLU A 212 9.72 36.44 -7.39
C GLU A 212 11.07 35.77 -7.68
N HIS A 213 11.70 36.17 -8.78
CA HIS A 213 12.95 35.59 -9.23
C HIS A 213 14.08 36.59 -8.94
N VAL A 214 14.96 36.22 -8.01
CA VAL A 214 16.11 37.03 -7.70
C VAL A 214 17.36 36.34 -8.26
N GLU A 215 18.10 37.10 -9.07
CA GLU A 215 19.30 36.63 -9.75
C GLU A 215 20.53 37.16 -9.00
N ASP A 216 21.06 36.35 -8.09
CA ASP A 216 22.12 36.77 -7.20
C ASP A 216 22.67 35.51 -6.54
N GLU A 217 23.81 35.66 -5.87
CA GLU A 217 24.51 34.58 -5.21
C GLU A 217 24.41 34.77 -3.68
N MET A 218 23.90 33.74 -2.99
CA MET A 218 23.89 33.75 -1.53
C MET A 218 25.34 33.70 -1.04
N THR A 219 25.68 34.58 -0.08
CA THR A 219 27.00 34.59 0.55
C THR A 219 26.93 34.34 2.07
N GLU A 220 25.76 34.51 2.71
CA GLU A 220 25.65 34.20 4.11
C GLU A 220 24.21 33.78 4.43
N VAL A 221 24.09 32.74 5.25
CA VAL A 221 22.80 32.34 5.80
C VAL A 221 22.67 32.98 7.18
N LEU A 222 21.67 33.82 7.37
CA LEU A 222 21.49 34.50 8.67
C LEU A 222 20.50 33.70 9.49
N THR A 223 20.81 33.51 10.78
CA THR A 223 20.00 32.72 11.70
C THR A 223 19.66 33.54 12.94
N ASP A 224 18.56 33.19 13.60
CA ASP A 224 18.21 33.82 14.89
C ASP A 224 18.92 33.05 16.00
N GLU A 225 18.66 33.43 17.25
CA GLU A 225 19.31 32.78 18.39
C GLU A 225 18.97 31.30 18.46
N ARG A 226 17.75 30.92 18.08
CA ARG A 226 17.39 29.52 18.18
C ARG A 226 17.91 28.71 16.97
N GLY A 227 18.59 29.38 16.01
CA GLY A 227 19.24 28.71 14.87
C GLY A 227 18.31 28.40 13.70
N PHE A 228 17.14 29.02 13.67
CA PHE A 228 16.29 29.05 12.51
C PHE A 228 16.84 30.06 11.51
N ILE A 229 16.73 29.75 10.22
CA ILE A 229 17.12 30.69 9.20
C ILE A 229 16.11 31.84 9.21
N THR A 230 16.62 33.07 9.14
CA THR A 230 15.79 34.25 9.03
C THR A 230 15.92 34.94 7.67
N ALA A 231 17.06 34.80 6.99
CA ALA A 231 17.33 35.48 5.74
C ALA A 231 18.55 34.89 5.05
N LEU A 232 18.65 35.12 3.74
CA LEU A 232 19.88 34.88 2.98
C LEU A 232 20.44 36.23 2.49
N ARG A 233 21.70 36.47 2.83
CA ARG A 233 22.47 37.66 2.39
C ARG A 233 23.13 37.28 1.06
N THR A 234 23.08 38.20 0.10
CA THR A 234 23.64 37.95 -1.23
C THR A 234 24.87 38.80 -1.49
N LYS A 235 25.63 38.40 -2.51
CA LYS A 235 26.87 39.06 -2.91
C LYS A 235 26.62 40.54 -3.24
N SER A 236 25.50 40.86 -3.90
CA SER A 236 25.16 42.23 -4.30
C SER A 236 24.77 43.09 -3.09
N GLY A 237 24.51 42.46 -1.93
CA GLY A 237 24.19 43.16 -0.68
C GLY A 237 22.70 43.11 -0.33
N ARG A 238 21.95 42.17 -0.92
CA ARG A 238 20.52 41.96 -0.58
C ARG A 238 20.43 41.11 0.70
N ILE A 239 19.31 41.26 1.41
CA ILE A 239 18.93 40.40 2.54
C ILE A 239 17.51 39.90 2.24
N LEU A 240 17.38 38.62 1.88
CA LEU A 240 16.09 38.08 1.49
C LEU A 240 15.50 37.38 2.70
N GLN A 241 14.53 38.02 3.34
CA GLN A 241 13.92 37.48 4.54
C GLN A 241 12.88 36.42 4.15
N GLY A 242 12.69 35.47 5.07
CA GLY A 242 11.78 34.36 4.86
C GLY A 242 11.49 33.63 6.15
N ASP A 243 10.43 32.80 6.12
CA ASP A 243 9.97 32.01 7.27
C ASP A 243 10.31 30.52 7.07
N LEU A 244 10.29 30.06 5.83
CA LEU A 244 10.65 28.69 5.49
C LEU A 244 11.60 28.72 4.30
N PHE A 245 12.62 27.88 4.35
CA PHE A 245 13.63 27.88 3.32
C PHE A 245 13.70 26.49 2.71
N VAL A 246 13.70 26.46 1.37
CA VAL A 246 13.87 25.20 0.68
C VAL A 246 15.27 25.23 0.05
N ASP A 247 16.11 24.27 0.48
CA ASP A 247 17.43 24.12 -0.07
C ASP A 247 17.36 23.32 -1.38
N CYS A 248 17.47 24.03 -2.50
CA CYS A 248 17.65 23.44 -3.82
C CYS A 248 19.02 23.85 -4.39
N SER A 249 20.02 23.95 -3.52
CA SER A 249 21.37 24.45 -3.90
C SER A 249 22.22 23.36 -4.58
N GLY A 250 21.67 22.15 -4.71
CA GLY A 250 22.39 21.02 -5.30
C GLY A 250 23.29 20.34 -4.27
N PHE A 251 24.33 19.64 -4.76
CA PHE A 251 25.14 18.74 -3.94
C PHE A 251 25.83 19.48 -2.80
N ARG A 252 26.12 20.76 -2.98
CA ARG A 252 26.83 21.51 -1.96
C ARG A 252 25.96 21.72 -0.72
N GLY A 253 24.64 21.67 -0.87
CA GLY A 253 23.75 21.62 0.30
C GLY A 253 23.99 22.78 1.24
N LEU A 254 23.97 23.99 0.68
CA LEU A 254 24.42 25.17 1.39
C LEU A 254 23.57 25.43 2.63
N LEU A 255 22.27 25.12 2.62
CA LEU A 255 21.45 25.38 3.83
C LEU A 255 21.46 24.16 4.77
N ILE A 256 21.05 22.99 4.25
CA ILE A 256 20.79 21.80 5.08
C ILE A 256 22.11 21.26 5.69
N ASN A 257 23.18 21.17 4.90
CA ASN A 257 24.43 20.51 5.32
C ASN A 257 25.39 21.55 5.92
N LYS A 258 25.47 22.73 5.29
CA LYS A 258 26.49 23.68 5.69
C LYS A 258 25.94 24.58 6.80
N ALA A 259 24.88 25.35 6.56
CA ALA A 259 24.33 26.25 7.61
C ALA A 259 23.67 25.47 8.76
N MET A 260 22.82 24.47 8.48
CA MET A 260 22.10 23.74 9.55
C MET A 260 22.93 22.58 10.11
N GLU A 261 24.09 22.29 9.50
CA GLU A 261 25.07 21.27 9.96
C GLU A 261 24.43 19.87 10.05
N GLU A 262 23.45 19.58 9.18
CA GLU A 262 22.85 18.28 9.18
C GLU A 262 23.80 17.32 8.45
N PRO A 263 24.20 16.20 9.08
CA PRO A 263 25.12 15.27 8.45
C PRO A 263 24.49 14.66 7.19
N PHE A 264 25.29 14.51 6.14
CA PHE A 264 24.92 13.65 5.01
C PHE A 264 25.37 12.22 5.37
N ILE A 265 24.52 11.23 5.11
CA ILE A 265 24.87 9.83 5.29
C ILE A 265 25.46 9.31 3.99
N ASP A 266 26.78 9.15 3.99
CA ASP A 266 27.53 8.69 2.85
C ASP A 266 27.19 7.20 2.69
N MET A 267 26.68 6.80 1.52
CA MET A 267 26.37 5.39 1.28
C MET A 267 27.14 4.90 0.04
N SER A 268 28.37 5.36 -0.12
CA SER A 268 29.26 4.91 -1.19
C SER A 268 29.69 3.44 -0.99
N ASP A 269 29.36 2.84 0.17
CA ASP A 269 29.61 1.42 0.43
C ASP A 269 28.45 0.56 -0.12
N HIS A 270 27.36 1.20 -0.58
CA HIS A 270 26.20 0.53 -1.14
C HIS A 270 26.20 0.56 -2.66
N LEU A 271 26.63 1.70 -3.22
CA LEU A 271 26.73 1.93 -4.62
C LEU A 271 28.04 2.70 -4.88
N LEU A 272 28.78 2.28 -5.90
CA LEU A 272 30.21 2.68 -6.05
C LEU A 272 30.42 3.91 -6.97
N CYS A 273 29.55 4.09 -7.96
CA CYS A 273 29.71 5.20 -8.90
C CYS A 273 29.51 6.53 -8.16
N ASN A 274 30.28 7.55 -8.58
CA ASN A 274 30.34 8.83 -7.88
C ASN A 274 30.72 9.99 -8.82
N SER A 275 30.76 9.75 -10.14
CA SER A 275 31.30 10.65 -11.15
C SER A 275 30.57 10.46 -12.48
N ALA A 276 30.48 11.52 -13.28
CA ALA A 276 30.01 11.40 -14.64
C ALA A 276 30.77 12.38 -15.55
N VAL A 277 30.90 11.99 -16.82
CA VAL A 277 31.29 12.86 -17.91
C VAL A 277 30.17 12.76 -18.94
N ALA A 278 29.59 13.90 -19.31
CA ALA A 278 28.36 13.93 -20.08
C ALA A 278 28.48 14.92 -21.25
N THR A 279 27.71 14.67 -22.30
CA THR A 279 27.59 15.58 -23.44
C THR A 279 26.29 15.29 -24.20
N ALA A 280 25.93 16.19 -25.11
CA ALA A 280 24.82 16.01 -26.03
C ALA A 280 25.41 15.67 -27.39
N VAL A 281 24.85 14.64 -28.05
CA VAL A 281 25.38 14.14 -29.33
C VAL A 281 24.34 14.36 -30.42
N PRO A 282 24.61 15.25 -31.41
CA PRO A 282 23.76 15.39 -32.59
C PRO A 282 23.58 14.01 -33.22
N HIS A 283 22.41 13.74 -33.77
CA HIS A 283 22.03 12.41 -34.19
C HIS A 283 21.20 12.47 -35.47
N ASP A 284 21.54 11.57 -36.39
CA ASP A 284 20.84 11.44 -37.65
C ASP A 284 19.60 10.56 -37.47
N ASP A 285 18.48 11.18 -37.09
CA ASP A 285 17.23 10.52 -36.86
C ASP A 285 16.65 9.96 -38.19
N GLU A 286 16.93 10.63 -39.32
CA GLU A 286 16.43 10.16 -40.64
C GLU A 286 17.01 8.78 -40.94
N LYS A 287 18.31 8.64 -40.69
CA LYS A 287 19.03 7.41 -40.96
C LYS A 287 18.60 6.32 -39.97
N ASN A 288 18.73 6.62 -38.68
CA ASN A 288 18.77 5.62 -37.61
C ASN A 288 17.42 5.47 -36.90
N GLY A 289 16.51 6.44 -37.09
CA GLY A 289 15.33 6.58 -36.29
C GLY A 289 15.68 6.98 -34.86
N VAL A 290 14.67 6.93 -33.98
CA VAL A 290 14.79 7.37 -32.58
C VAL A 290 14.38 6.20 -31.68
N GLU A 291 15.27 5.81 -30.77
CA GLU A 291 14.96 4.75 -29.82
C GLU A 291 14.01 5.27 -28.74
N PRO A 292 12.83 4.64 -28.53
CA PRO A 292 11.91 5.10 -27.49
C PRO A 292 12.27 4.46 -26.14
N TYR A 293 13.53 4.65 -25.74
CA TYR A 293 14.04 4.09 -24.51
C TYR A 293 15.40 4.70 -24.21
N THR A 294 15.76 4.71 -22.92
CA THR A 294 17.05 5.05 -22.41
C THR A 294 17.95 3.82 -22.48
N SER A 295 19.17 3.95 -22.99
CA SER A 295 20.12 2.84 -22.99
C SER A 295 21.08 3.02 -21.81
N SER A 296 21.40 1.91 -21.14
CA SER A 296 22.44 1.81 -20.14
C SER A 296 23.51 0.87 -20.69
N ILE A 297 24.64 1.45 -21.12
CA ILE A 297 25.68 0.72 -21.78
C ILE A 297 26.77 0.47 -20.75
N ALA A 298 27.01 -0.79 -20.43
CA ALA A 298 28.02 -1.14 -19.43
C ALA A 298 29.41 -0.72 -19.95
N MET A 299 30.22 -0.18 -19.05
CA MET A 299 31.61 0.20 -19.31
C MET A 299 32.49 -0.60 -18.34
N GLU A 300 33.81 -0.40 -18.43
CA GLU A 300 34.74 -1.13 -17.60
C GLU A 300 34.65 -0.65 -16.15
N ALA A 301 34.36 0.64 -15.94
CA ALA A 301 34.33 1.18 -14.58
C ALA A 301 33.01 1.92 -14.32
N GLY A 302 31.93 1.47 -14.97
CA GLY A 302 30.59 1.96 -14.70
C GLY A 302 29.70 1.71 -15.88
N TRP A 303 28.97 2.75 -16.30
CA TRP A 303 28.03 2.62 -17.39
C TRP A 303 27.78 3.97 -18.04
N THR A 304 27.14 3.94 -19.23
CA THR A 304 26.88 5.12 -20.03
C THR A 304 25.40 5.17 -20.39
N TRP A 305 24.77 6.33 -20.16
CA TRP A 305 23.41 6.54 -20.61
C TRP A 305 23.36 7.06 -22.05
N LYS A 306 22.25 6.75 -22.70
CA LYS A 306 21.88 7.33 -23.96
C LYS A 306 20.38 7.70 -23.87
N ILE A 307 20.11 9.00 -24.01
CA ILE A 307 18.74 9.51 -23.83
C ILE A 307 18.35 10.23 -25.10
N PRO A 308 17.71 9.54 -26.08
CA PRO A 308 17.32 10.18 -27.33
C PRO A 308 16.16 11.18 -27.20
N MET A 309 16.27 12.27 -27.98
CA MET A 309 15.19 13.17 -28.34
C MET A 309 15.41 13.58 -29.81
N LEU A 310 14.44 14.28 -30.42
CA LEU A 310 14.60 14.75 -31.84
C LEU A 310 15.91 15.52 -31.98
N GLY A 311 16.74 15.13 -32.96
CA GLY A 311 17.95 15.87 -33.34
C GLY A 311 19.19 15.45 -32.59
N ARG A 312 19.05 14.86 -31.40
CA ARG A 312 20.22 14.72 -30.51
C ARG A 312 19.92 13.66 -29.44
N PHE A 313 20.99 13.04 -28.90
CA PHE A 313 20.87 12.23 -27.69
C PHE A 313 21.80 12.77 -26.60
N GLY A 314 21.24 12.86 -25.39
CA GLY A 314 22.03 13.06 -24.21
C GLY A 314 22.78 11.80 -23.88
N SER A 315 24.03 11.96 -23.43
CA SER A 315 24.79 10.80 -23.08
C SER A 315 25.75 11.16 -21.96
N GLY A 316 26.08 10.15 -21.14
CA GLY A 316 27.00 10.34 -20.09
C GLY A 316 27.50 9.04 -19.51
N HIS A 317 28.80 9.01 -19.23
CA HIS A 317 29.48 7.89 -18.60
C HIS A 317 29.56 8.14 -17.09
N VAL A 318 28.79 7.33 -16.34
CA VAL A 318 28.80 7.27 -14.88
C VAL A 318 29.87 6.28 -14.46
N TYR A 319 30.76 6.70 -13.58
CA TYR A 319 31.87 5.87 -13.20
C TYR A 319 32.19 6.14 -11.73
N SER A 320 32.98 5.23 -11.14
CA SER A 320 33.66 5.43 -9.89
C SER A 320 35.08 5.95 -10.11
N ASP A 321 35.43 7.05 -9.42
CA ASP A 321 36.72 7.69 -9.58
C ASP A 321 37.78 6.96 -8.73
N HIS A 322 37.35 5.94 -7.96
CA HIS A 322 38.26 4.97 -7.34
C HIS A 322 38.77 3.95 -8.39
N PHE A 323 38.07 3.82 -9.52
CA PHE A 323 38.38 2.76 -10.50
C PHE A 323 38.74 3.34 -11.87
N ALA A 324 38.48 4.62 -12.10
CA ALA A 324 38.90 5.28 -13.37
C ALA A 324 39.15 6.77 -13.10
N THR A 325 40.13 7.37 -13.79
CA THR A 325 40.34 8.79 -13.71
C THR A 325 39.38 9.50 -14.66
N GLN A 326 39.22 10.81 -14.47
CA GLN A 326 38.42 11.59 -15.38
C GLN A 326 38.91 11.35 -16.83
N ASP A 327 40.23 11.21 -17.03
CA ASP A 327 40.79 11.08 -18.39
C ASP A 327 40.46 9.72 -19.02
N GLU A 328 40.59 8.64 -18.22
CA GLU A 328 40.23 7.29 -18.64
C GLU A 328 38.74 7.24 -19.06
N ALA A 329 37.89 7.77 -18.16
CA ALA A 329 36.46 7.82 -18.32
C ALA A 329 36.11 8.57 -19.61
N THR A 330 36.65 9.78 -19.75
CA THR A 330 36.39 10.64 -20.90
C THR A 330 36.83 9.94 -22.19
N LEU A 331 38.00 9.30 -22.15
CA LEU A 331 38.56 8.52 -23.31
C LEU A 331 37.60 7.40 -23.73
N ALA A 332 37.16 6.60 -22.77
CA ALA A 332 36.21 5.49 -23.04
C ALA A 332 34.87 6.04 -23.54
N PHE A 333 34.37 7.09 -22.86
CA PHE A 333 33.11 7.73 -23.26
C PHE A 333 33.25 8.25 -24.70
N SER A 334 34.35 8.95 -24.99
CA SER A 334 34.59 9.53 -26.33
C SER A 334 34.70 8.45 -27.40
N LYS A 335 35.36 7.34 -27.08
CA LYS A 335 35.52 6.26 -28.03
C LYS A 335 34.15 5.64 -28.36
N LEU A 336 33.26 5.61 -27.37
CA LEU A 336 31.99 4.98 -27.52
C LEU A 336 31.20 5.60 -28.67
N TRP A 337 31.27 6.94 -28.83
CA TRP A 337 30.46 7.66 -29.81
C TRP A 337 31.31 8.23 -30.95
N GLY A 338 32.65 8.08 -30.86
CA GLY A 338 33.59 8.65 -31.84
C GLY A 338 33.62 10.17 -31.76
N LEU A 339 33.71 10.69 -30.53
CA LEU A 339 33.80 12.11 -30.25
C LEU A 339 35.28 12.50 -30.22
N ASP A 340 35.60 13.71 -30.70
CA ASP A 340 36.94 14.26 -30.53
C ASP A 340 37.11 14.69 -29.07
N PRO A 341 38.04 14.09 -28.29
CA PRO A 341 38.19 14.43 -26.87
C PRO A 341 38.77 15.83 -26.59
N ASP A 342 39.43 16.43 -27.59
CA ASP A 342 40.00 17.78 -27.47
C ASP A 342 38.99 18.83 -27.94
N ASN A 343 37.93 18.42 -28.66
CA ASN A 343 37.00 19.35 -29.34
C ASN A 343 35.55 19.23 -28.84
N THR A 344 35.24 18.24 -27.98
CA THR A 344 33.84 18.06 -27.49
C THR A 344 33.67 18.84 -26.18
N GLU A 345 32.49 19.44 -26.03
CA GLU A 345 32.07 20.13 -24.81
C GLU A 345 31.57 19.07 -23.80
N PHE A 346 32.40 18.78 -22.78
CA PHE A 346 32.13 17.81 -21.74
C PHE A 346 31.68 18.52 -20.45
N ASN A 347 30.63 17.98 -19.84
CA ASN A 347 30.21 18.33 -18.48
C ASN A 347 30.72 17.25 -17.52
N HIS A 348 31.60 17.65 -16.59
CA HIS A 348 32.20 16.74 -15.59
C HIS A 348 31.58 16.99 -14.23
N VAL A 349 31.03 15.95 -13.58
CA VAL A 349 30.35 16.13 -12.28
C VAL A 349 30.81 15.04 -11.31
N ARG A 350 30.86 15.42 -10.04
CA ARG A 350 31.00 14.54 -8.89
C ARG A 350 29.66 14.52 -8.15
N PHE A 351 29.16 13.32 -7.82
CA PHE A 351 27.93 13.22 -7.09
C PHE A 351 28.19 12.45 -5.79
N ARG A 352 27.34 12.71 -4.80
CA ARG A 352 27.35 11.96 -3.59
C ARG A 352 26.20 10.95 -3.65
N VAL A 353 26.34 9.87 -2.89
CA VAL A 353 25.39 8.83 -2.86
C VAL A 353 24.96 8.66 -1.41
N GLY A 354 23.67 8.84 -1.13
CA GLY A 354 23.15 8.73 0.20
C GLY A 354 22.02 9.70 0.44
N ARG A 355 21.80 10.05 1.71
CA ARG A 355 20.73 10.97 2.07
C ARG A 355 21.15 11.78 3.28
N ASN A 356 20.51 12.93 3.43
CA ASN A 356 20.69 13.66 4.68
C ASN A 356 20.09 12.80 5.80
N ARG A 357 20.72 12.89 6.99
CA ARG A 357 20.23 12.19 8.15
C ARG A 357 18.73 12.48 8.32
N ARG A 358 18.40 13.78 8.23
CA ARG A 358 17.06 14.28 8.17
C ARG A 358 16.97 15.25 6.99
N ALA A 359 15.94 15.14 6.16
CA ALA A 359 15.83 15.96 4.97
C ALA A 359 15.36 17.38 5.33
N TRP A 360 14.59 17.47 6.42
CA TRP A 360 14.06 18.75 6.96
C TRP A 360 14.48 18.88 8.42
N VAL A 361 15.17 20.00 8.71
CA VAL A 361 15.63 20.35 10.02
C VAL A 361 15.23 21.81 10.25
N ARG A 362 14.77 22.15 11.46
CA ARG A 362 14.31 23.51 11.78
C ARG A 362 13.36 24.02 10.68
N ASN A 363 13.70 25.15 10.03
CA ASN A 363 12.84 25.69 8.99
C ASN A 363 13.53 25.55 7.61
N CYS A 364 14.29 24.46 7.45
CA CYS A 364 15.08 24.22 6.25
C CYS A 364 14.72 22.84 5.70
N VAL A 365 14.13 22.83 4.50
CA VAL A 365 13.71 21.63 3.79
C VAL A 365 14.59 21.43 2.56
N SER A 366 15.31 20.31 2.49
CA SER A 366 16.17 19.98 1.33
C SER A 366 15.35 19.23 0.27
N VAL A 367 15.59 19.58 -0.99
CA VAL A 367 14.87 19.03 -2.15
C VAL A 367 15.90 18.90 -3.29
N GLY A 368 15.86 17.79 -4.03
CA GLY A 368 16.76 17.55 -5.17
C GLY A 368 18.14 17.12 -4.69
N LEU A 369 19.20 17.64 -5.34
CA LEU A 369 20.54 17.08 -5.10
C LEU A 369 21.08 17.48 -3.71
N ALA A 370 20.50 18.51 -3.11
CA ALA A 370 20.80 18.93 -1.72
C ALA A 370 20.26 17.91 -0.71
N SER A 371 19.28 17.10 -1.11
CA SER A 371 18.72 16.03 -0.32
C SER A 371 19.35 14.68 -0.75
N CYS A 372 18.53 13.68 -1.10
CA CYS A 372 19.04 12.31 -1.31
C CYS A 372 19.28 12.05 -2.80
N PHE A 373 20.25 11.16 -3.07
CA PHE A 373 20.64 10.85 -4.42
C PHE A 373 21.30 9.47 -4.49
N VAL A 374 20.90 8.76 -5.53
CA VAL A 374 21.51 7.53 -6.01
C VAL A 374 21.87 7.79 -7.47
N GLU A 375 22.73 6.96 -8.01
CA GLU A 375 23.24 7.24 -9.29
C GLU A 375 22.07 7.23 -10.29
N PRO A 376 22.20 7.89 -11.44
CA PRO A 376 21.04 8.06 -12.32
C PRO A 376 20.58 6.82 -13.13
N LEU A 377 20.85 5.61 -12.66
CA LEU A 377 20.64 4.42 -13.48
C LEU A 377 19.16 4.12 -13.77
N GLU A 378 18.27 4.40 -12.85
CA GLU A 378 16.85 4.17 -13.19
C GLU A 378 16.07 5.48 -13.12
N SER A 379 16.78 6.61 -13.23
CA SER A 379 16.18 7.93 -13.41
C SER A 379 15.22 8.25 -12.25
N SER A 380 15.79 8.34 -11.04
CA SER A 380 15.01 8.55 -9.84
C SER A 380 15.17 9.97 -9.28
N GLY A 381 16.14 10.76 -9.78
CA GLY A 381 16.40 12.12 -9.28
C GLY A 381 15.19 13.06 -9.38
N ILE A 382 14.61 13.22 -10.57
CA ILE A 382 13.45 14.12 -10.73
C ILE A 382 12.29 13.58 -9.89
N TYR A 383 12.14 12.26 -9.87
CA TYR A 383 11.13 11.58 -9.05
C TYR A 383 11.32 11.96 -7.58
N PHE A 384 12.56 11.93 -7.07
CA PHE A 384 12.80 12.35 -5.69
C PHE A 384 12.36 13.82 -5.48
N ILE A 385 12.50 14.66 -6.51
CA ILE A 385 12.09 16.07 -6.37
C ILE A 385 10.57 16.14 -6.21
N TYR A 386 9.78 15.60 -7.15
CA TYR A 386 8.32 15.89 -7.06
C TYR A 386 7.68 15.07 -5.94
N ALA A 387 8.23 13.91 -5.63
CA ALA A 387 7.77 13.18 -4.42
C ALA A 387 8.05 14.01 -3.16
N ALA A 388 9.22 14.64 -3.06
CA ALA A 388 9.55 15.42 -1.87
C ALA A 388 8.65 16.67 -1.79
N ILE A 389 8.40 17.30 -2.94
CA ILE A 389 7.56 18.47 -3.01
C ILE A 389 6.12 18.11 -2.61
N HIS A 390 5.59 17.02 -3.18
CA HIS A 390 4.28 16.51 -2.78
C HIS A 390 4.20 16.35 -1.25
N MET A 391 5.22 15.73 -0.67
CA MET A 391 5.26 15.49 0.77
C MET A 391 5.39 16.79 1.57
N LEU A 392 6.11 17.79 1.05
CA LEU A 392 6.25 19.07 1.76
C LEU A 392 4.88 19.76 1.82
N ALA A 393 4.16 19.72 0.69
CA ALA A 393 2.84 20.33 0.62
C ALA A 393 1.90 19.60 1.58
N LYS A 394 2.02 18.28 1.67
CA LYS A 394 1.15 17.52 2.53
C LYS A 394 1.44 17.85 4.00
N HIS A 395 2.72 18.04 4.35
CA HIS A 395 3.19 18.30 5.71
C HIS A 395 3.53 19.77 5.91
N PHE A 396 2.93 20.66 5.11
CA PHE A 396 3.34 22.02 5.08
C PHE A 396 3.11 22.63 6.45
N PRO A 397 4.11 23.33 7.02
CA PRO A 397 4.04 23.79 8.41
C PRO A 397 3.37 25.16 8.54
N ASP A 398 3.09 25.54 9.78
CA ASP A 398 2.99 26.96 10.12
C ASP A 398 4.21 27.31 10.96
N LYS A 399 4.26 28.53 11.49
CA LYS A 399 5.44 29.03 12.22
C LYS A 399 5.71 28.25 13.51
N THR A 400 4.77 27.41 13.99
CA THR A 400 5.03 26.57 15.18
C THR A 400 5.95 25.38 14.85
N PHE A 401 6.10 25.06 13.56
CA PHE A 401 6.95 23.94 13.10
C PHE A 401 6.73 22.69 13.96
N ASP A 402 5.51 22.16 13.94
CA ASP A 402 5.19 20.94 14.71
C ASP A 402 6.23 19.85 14.38
N LYS A 403 6.92 19.36 15.41
CA LYS A 403 7.95 18.33 15.24
C LYS A 403 7.38 17.07 14.58
N VAL A 404 6.10 16.79 14.76
CA VAL A 404 5.53 15.59 14.14
C VAL A 404 5.44 15.80 12.62
N LEU A 405 5.06 17.00 12.16
CA LEU A 405 5.01 17.23 10.69
C LEU A 405 6.39 16.98 10.09
N VAL A 406 7.39 17.53 10.79
CA VAL A 406 8.74 17.45 10.31
C VAL A 406 9.16 15.98 10.25
N ASP A 407 8.94 15.26 11.34
CA ASP A 407 9.33 13.86 11.48
C ASP A 407 8.66 13.03 10.36
N ARG A 408 7.35 13.18 10.22
CA ARG A 408 6.59 12.37 9.24
C ARG A 408 7.07 12.66 7.81
N PHE A 409 7.42 13.92 7.50
CA PHE A 409 8.02 14.25 6.19
C PHE A 409 9.33 13.48 6.00
N ASN A 410 10.18 13.56 7.03
CA ASN A 410 11.48 12.94 7.00
C ASN A 410 11.34 11.43 6.79
N ARG A 411 10.35 10.81 7.43
CA ARG A 411 10.18 9.38 7.36
C ARG A 411 9.77 8.97 5.93
N GLU A 412 9.00 9.82 5.23
CA GLU A 412 8.58 9.54 3.84
C GLU A 412 9.78 9.62 2.88
N ILE A 413 10.68 10.57 3.15
CA ILE A 413 11.84 10.76 2.31
C ILE A 413 12.76 9.53 2.49
N GLU A 414 13.04 9.18 3.74
CA GLU A 414 13.82 7.97 4.09
C GLU A 414 13.27 6.73 3.38
N GLU A 415 11.96 6.48 3.50
CA GLU A 415 11.38 5.27 2.97
C GLU A 415 11.52 5.25 1.44
N MET A 416 11.19 6.37 0.79
CA MET A 416 11.25 6.47 -0.66
C MET A 416 12.70 6.25 -1.12
N PHE A 417 13.62 6.88 -0.42
CA PHE A 417 15.05 6.75 -0.77
C PHE A 417 15.49 5.29 -0.66
N ASP A 418 15.17 4.65 0.47
CA ASP A 418 15.56 3.26 0.75
C ASP A 418 14.98 2.31 -0.30
N ASP A 419 13.73 2.55 -0.71
CA ASP A 419 13.06 1.74 -1.68
C ASP A 419 13.86 1.75 -2.99
N THR A 420 14.31 2.94 -3.42
CA THR A 420 15.02 3.05 -4.72
C THR A 420 16.45 2.53 -4.58
N ARG A 421 17.10 2.81 -3.44
CA ARG A 421 18.42 2.28 -3.18
C ARG A 421 18.40 0.74 -3.29
N ASP A 422 17.39 0.08 -2.73
CA ASP A 422 17.28 -1.39 -2.80
C ASP A 422 17.32 -1.81 -4.27
N PHE A 423 16.48 -1.16 -5.09
CA PHE A 423 16.35 -1.52 -6.47
C PHE A 423 17.71 -1.35 -7.17
N LEU A 424 18.44 -0.30 -6.85
CA LEU A 424 19.68 -0.02 -7.56
C LEU A 424 20.74 -1.03 -7.13
N GLN A 425 20.75 -1.39 -5.85
CA GLN A 425 21.66 -2.41 -5.35
C GLN A 425 21.48 -3.72 -6.14
N ALA A 426 20.23 -4.09 -6.43
CA ALA A 426 19.91 -5.26 -7.23
C ALA A 426 20.63 -5.25 -8.60
N HIS A 427 20.83 -4.08 -9.22
CA HIS A 427 21.47 -3.99 -10.54
C HIS A 427 22.94 -4.40 -10.50
N TYR A 428 23.62 -4.12 -9.38
CA TYR A 428 25.04 -4.21 -9.33
C TYR A 428 25.49 -5.53 -8.70
N TYR A 429 24.82 -5.93 -7.62
CA TYR A 429 25.31 -7.02 -6.81
C TYR A 429 25.16 -8.37 -7.53
N PHE A 430 24.23 -8.44 -8.50
CA PHE A 430 23.97 -9.64 -9.24
C PHE A 430 24.47 -9.51 -10.68
N SER A 431 25.32 -8.53 -11.00
CA SER A 431 26.06 -8.54 -12.28
C SER A 431 27.03 -9.71 -12.25
N PRO A 432 27.10 -10.56 -13.30
CA PRO A 432 28.07 -11.65 -13.37
C PRO A 432 29.46 -11.28 -13.91
N ARG A 433 29.65 -9.99 -14.22
CA ARG A 433 30.93 -9.51 -14.72
C ARG A 433 31.97 -9.53 -13.61
N VAL A 434 33.18 -9.99 -13.93
CA VAL A 434 34.31 -10.07 -13.02
C VAL A 434 35.58 -9.57 -13.72
N ASP A 435 35.45 -8.90 -14.86
CA ASP A 435 36.59 -8.59 -15.73
C ASP A 435 37.43 -7.43 -15.18
N THR A 436 36.82 -6.49 -14.45
CA THR A 436 37.53 -5.30 -13.98
C THR A 436 37.46 -5.21 -12.47
N PRO A 437 38.35 -4.43 -11.83
CA PRO A 437 38.23 -4.19 -10.39
C PRO A 437 36.85 -3.61 -10.01
N PHE A 438 36.25 -2.80 -10.90
CA PHE A 438 34.95 -2.18 -10.62
C PHE A 438 33.87 -3.26 -10.54
N TRP A 439 33.80 -4.13 -11.55
CA TRP A 439 32.76 -5.13 -11.56
C TRP A 439 32.96 -6.11 -10.40
N ARG A 440 34.20 -6.37 -10.01
CA ARG A 440 34.47 -7.31 -8.91
C ARG A 440 34.12 -6.67 -7.56
N ALA A 441 34.34 -5.36 -7.42
CA ALA A 441 34.05 -4.63 -6.17
C ALA A 441 32.53 -4.55 -5.93
N ASN A 442 31.74 -4.69 -7.00
CA ASN A 442 30.26 -4.65 -6.90
C ASN A 442 29.72 -5.97 -6.31
N LYS A 443 30.56 -7.00 -6.19
CA LYS A 443 30.19 -8.26 -5.54
C LYS A 443 30.55 -8.21 -4.05
N GLU A 444 31.14 -7.11 -3.59
CA GLU A 444 31.50 -6.94 -2.17
C GLU A 444 30.72 -5.78 -1.55
N LEU A 445 29.61 -5.35 -2.18
CA LEU A 445 28.84 -4.20 -1.70
C LEU A 445 28.31 -4.51 -0.30
N LYS A 446 28.14 -3.47 0.51
CA LYS A 446 27.32 -3.56 1.71
C LYS A 446 25.85 -3.59 1.27
N LEU A 447 25.20 -4.74 1.44
CA LEU A 447 23.79 -4.94 1.10
C LEU A 447 22.90 -4.59 2.28
N ALA A 448 21.99 -3.65 2.09
CA ALA A 448 20.93 -3.34 3.05
C ALA A 448 20.14 -4.62 3.38
N ASP A 449 19.70 -4.73 4.64
CA ASP A 449 18.85 -5.83 5.10
C ASP A 449 17.60 -5.99 4.20
N SER A 450 17.00 -4.89 3.74
CA SER A 450 15.71 -4.97 3.05
C SER A 450 15.88 -5.57 1.65
N ILE A 451 16.98 -5.29 0.97
CA ILE A 451 17.21 -5.90 -0.38
C ILE A 451 17.56 -7.37 -0.17
N LYS A 452 18.28 -7.67 0.91
CA LYS A 452 18.63 -9.06 1.23
C LYS A 452 17.33 -9.86 1.40
N ASP A 453 16.39 -9.25 2.11
CA ASP A 453 15.10 -9.87 2.40
C ASP A 453 14.33 -10.09 1.09
N LYS A 454 14.33 -9.08 0.23
CA LYS A 454 13.67 -9.15 -1.09
C LYS A 454 14.31 -10.25 -1.96
N VAL A 455 15.64 -10.37 -1.93
CA VAL A 455 16.29 -11.38 -2.73
C VAL A 455 15.86 -12.77 -2.21
N GLU A 456 15.85 -12.94 -0.88
CA GLU A 456 15.42 -14.21 -0.26
C GLU A 456 13.97 -14.55 -0.69
N THR A 457 13.09 -13.55 -0.71
CA THR A 457 11.70 -13.74 -1.18
C THR A 457 11.69 -14.17 -2.65
N TYR A 458 12.41 -13.45 -3.50
CA TYR A 458 12.52 -13.75 -4.93
C TYR A 458 13.08 -15.16 -5.14
N ARG A 459 14.08 -15.53 -4.33
CA ARG A 459 14.81 -16.78 -4.53
C ARG A 459 13.91 -17.99 -4.15
N ALA A 460 12.86 -17.75 -3.36
CA ALA A 460 11.87 -18.79 -3.00
C ALA A 460 10.75 -18.91 -4.05
N GLY A 461 10.74 -17.98 -5.01
CA GLY A 461 9.83 -18.02 -6.13
C GLY A 461 8.63 -17.12 -5.93
N LEU A 462 8.59 -16.38 -4.82
CA LEU A 462 7.48 -15.53 -4.45
C LEU A 462 7.61 -14.20 -5.20
N PRO A 463 6.47 -13.50 -5.39
CA PRO A 463 6.48 -12.13 -5.91
C PRO A 463 7.24 -11.17 -4.99
N VAL A 464 7.88 -10.14 -5.57
CA VAL A 464 8.50 -9.07 -4.81
C VAL A 464 7.68 -7.80 -5.05
N ASN A 465 6.96 -7.36 -4.01
CA ASN A 465 6.16 -6.17 -4.08
C ASN A 465 5.20 -6.19 -5.28
N LEU A 466 4.15 -7.02 -5.21
CA LEU A 466 3.10 -7.02 -6.24
C LEU A 466 2.51 -5.63 -6.37
N PRO A 467 2.21 -5.19 -7.61
CA PRO A 467 1.55 -3.89 -7.82
C PRO A 467 0.13 -3.84 -7.23
N VAL A 468 -0.36 -2.59 -7.04
CA VAL A 468 -1.74 -2.23 -6.71
C VAL A 468 -2.25 -1.25 -7.78
N TYR A 474 -7.24 8.71 -6.52
CA TYR A 474 -6.07 7.97 -6.97
C TYR A 474 -4.79 8.59 -6.37
N TYR A 475 -4.88 9.75 -5.69
CA TYR A 475 -3.69 10.39 -5.03
C TYR A 475 -3.17 9.51 -3.87
N GLY A 476 -4.10 8.90 -3.12
CA GLY A 476 -3.76 7.86 -2.14
C GLY A 476 -2.95 6.74 -2.77
N ASN A 477 -3.27 6.40 -4.02
CA ASN A 477 -2.61 5.32 -4.80
C ASN A 477 -1.19 5.79 -5.15
N PHE A 478 -1.07 6.89 -5.92
CA PHE A 478 0.24 7.32 -6.44
C PHE A 478 1.17 7.70 -5.27
N GLU A 479 0.63 8.19 -4.15
CA GLU A 479 1.53 8.60 -3.05
C GLU A 479 2.04 7.36 -2.30
N ALA A 480 1.19 6.33 -2.13
CA ALA A 480 1.64 5.05 -1.55
C ALA A 480 2.77 4.44 -2.40
N GLU A 481 2.68 4.65 -3.72
CA GLU A 481 3.69 4.18 -4.65
C GLU A 481 5.09 4.61 -4.22
N PHE A 482 5.22 5.81 -3.61
CA PHE A 482 6.54 6.39 -3.27
C PHE A 482 7.30 5.48 -2.30
N ARG A 483 6.56 4.74 -1.45
CA ARG A 483 7.15 3.86 -0.43
C ARG A 483 7.54 2.48 -1.00
N ASN A 484 6.98 2.11 -2.16
CA ASN A 484 7.12 0.76 -2.73
C ASN A 484 6.94 0.88 -4.25
N PHE A 485 7.80 1.70 -4.84
CA PHE A 485 7.66 2.15 -6.22
C PHE A 485 8.03 1.05 -7.22
N TRP A 486 9.10 0.33 -6.90
CA TRP A 486 9.62 -0.69 -7.82
C TRP A 486 8.95 -2.02 -7.50
N THR A 487 8.17 -2.52 -8.45
CA THR A 487 7.25 -3.64 -8.20
C THR A 487 7.87 -4.92 -8.76
N ASN A 488 7.13 -6.01 -8.54
CA ASN A 488 7.52 -7.36 -8.92
C ASN A 488 8.12 -7.40 -10.33
N GLY A 489 7.39 -6.82 -11.29
CA GLY A 489 7.79 -6.82 -12.68
C GLY A 489 9.17 -6.21 -12.90
N SER A 490 9.44 -5.11 -12.21
CA SER A 490 10.74 -4.42 -12.29
C SER A 490 11.85 -5.27 -11.69
N TYR A 491 11.57 -5.92 -10.55
CA TYR A 491 12.53 -6.83 -9.92
C TYR A 491 12.85 -7.99 -10.85
N TYR A 492 11.85 -8.56 -11.51
CA TYR A 492 12.06 -9.66 -12.47
C TYR A 492 12.94 -9.20 -13.64
N CYS A 493 12.70 -7.99 -14.13
CA CYS A 493 13.46 -7.44 -15.25
C CYS A 493 14.96 -7.44 -14.96
N ILE A 494 15.31 -6.98 -13.75
CA ILE A 494 16.68 -6.76 -13.38
C ILE A 494 17.29 -8.10 -12.95
N PHE A 495 16.63 -8.83 -12.05
CA PHE A 495 17.21 -10.11 -11.58
C PHE A 495 17.32 -11.13 -12.73
N ALA A 496 16.22 -11.36 -13.43
CA ALA A 496 16.19 -12.30 -14.53
C ALA A 496 17.09 -11.81 -15.66
N GLY A 497 17.07 -10.50 -15.91
CA GLY A 497 17.96 -9.85 -16.87
C GLY A 497 19.41 -10.22 -16.63
N LEU A 498 19.86 -10.04 -15.38
CA LEU A 498 21.24 -10.28 -15.02
C LEU A 498 21.59 -11.77 -14.92
N GLY A 499 20.60 -12.64 -14.73
CA GLY A 499 20.79 -14.10 -14.70
C GLY A 499 20.45 -14.72 -13.34
N LEU A 500 20.00 -13.91 -12.37
CA LEU A 500 19.57 -14.42 -11.05
C LEU A 500 18.12 -14.91 -11.17
N MET A 501 17.93 -16.20 -10.89
CA MET A 501 16.66 -16.89 -11.02
C MET A 501 16.22 -17.32 -9.63
N PRO A 502 14.92 -17.58 -9.43
CA PRO A 502 14.47 -18.27 -8.23
C PRO A 502 15.18 -19.63 -8.11
N ARG A 503 15.41 -20.08 -6.86
CA ARG A 503 15.95 -21.43 -6.59
C ARG A 503 15.03 -22.49 -7.24
N ASN A 504 13.73 -22.23 -7.32
CA ASN A 504 12.78 -23.17 -7.90
C ASN A 504 11.54 -22.37 -8.26
N PRO A 505 10.62 -22.92 -9.08
CA PRO A 505 9.38 -22.21 -9.39
C PRO A 505 8.55 -22.01 -8.12
N LEU A 506 7.61 -21.06 -8.22
CA LEU A 506 6.61 -20.82 -7.21
C LEU A 506 5.88 -22.14 -6.99
N PRO A 507 6.00 -22.78 -5.80
CA PRO A 507 5.41 -24.12 -5.62
C PRO A 507 3.91 -24.23 -5.96
N ALA A 508 3.15 -23.16 -5.71
CA ALA A 508 1.70 -23.22 -5.94
C ALA A 508 1.36 -23.59 -7.40
N LEU A 509 2.24 -23.22 -8.34
CA LEU A 509 1.96 -23.45 -9.76
C LEU A 509 1.88 -24.94 -10.08
N ALA A 510 2.54 -25.77 -9.31
CA ALA A 510 2.61 -27.23 -9.55
C ALA A 510 1.23 -27.87 -9.38
N TYR A 511 0.31 -27.19 -8.67
CA TYR A 511 -1.03 -27.69 -8.38
C TYR A 511 -2.08 -27.01 -9.29
N LYS A 512 -1.66 -26.27 -10.32
CA LYS A 512 -2.61 -25.42 -11.04
C LYS A 512 -2.51 -25.59 -12.55
N PRO A 513 -2.85 -26.78 -13.10
CA PRO A 513 -2.86 -27.02 -14.55
C PRO A 513 -3.71 -26.03 -15.34
N GLN A 514 -4.89 -25.66 -14.82
CA GLN A 514 -5.79 -24.78 -15.55
C GLN A 514 -5.18 -23.37 -15.60
N SER A 515 -4.49 -22.98 -14.53
CA SER A 515 -3.92 -21.62 -14.44
C SER A 515 -2.72 -21.51 -15.40
N ILE A 516 -1.91 -22.57 -15.49
CA ILE A 516 -0.76 -22.64 -16.36
C ILE A 516 -1.23 -22.51 -17.82
N ALA A 517 -2.37 -23.15 -18.13
CA ALA A 517 -2.98 -23.12 -19.47
C ALA A 517 -3.43 -21.71 -19.80
N GLU A 518 -4.01 -21.02 -18.80
CA GLU A 518 -4.45 -19.64 -18.92
C GLU A 518 -3.27 -18.73 -19.27
N ALA A 519 -2.11 -18.96 -18.64
CA ALA A 519 -0.93 -18.13 -18.83
C ALA A 519 -0.34 -18.37 -20.23
N GLU A 520 -0.44 -19.61 -20.73
CA GLU A 520 -0.02 -19.93 -22.09
C GLU A 520 -0.71 -18.99 -23.09
N LEU A 521 -1.99 -18.73 -22.87
CA LEU A 521 -2.76 -17.78 -23.67
C LEU A 521 -2.21 -16.36 -23.48
N LEU A 522 -1.86 -15.99 -22.26
CA LEU A 522 -1.23 -14.69 -22.03
C LEU A 522 0.08 -14.60 -22.82
N PHE A 523 0.87 -15.69 -22.82
CA PHE A 523 2.14 -15.70 -23.54
C PHE A 523 1.86 -15.50 -25.04
N ALA A 524 0.86 -16.22 -25.54
CA ALA A 524 0.46 -16.10 -26.95
C ALA A 524 -0.08 -14.69 -27.25
N ASP A 525 -0.80 -14.09 -26.29
CA ASP A 525 -1.27 -12.70 -26.42
C ASP A 525 -0.11 -11.72 -26.57
N VAL A 526 0.99 -11.94 -25.84
CA VAL A 526 2.12 -11.01 -25.86
C VAL A 526 2.72 -11.01 -27.28
N LYS A 527 2.85 -12.20 -27.86
CA LYS A 527 3.37 -12.40 -29.20
C LYS A 527 2.46 -11.70 -30.22
N ARG A 528 1.16 -12.01 -30.18
CA ARG A 528 0.16 -11.48 -31.14
C ARG A 528 0.13 -9.95 -31.07
N LYS A 529 0.04 -9.40 -29.85
CA LYS A 529 -0.03 -7.95 -29.66
C LYS A 529 1.25 -7.29 -30.16
N GLY A 530 2.41 -7.86 -29.79
CA GLY A 530 3.69 -7.37 -30.23
C GLY A 530 3.74 -7.30 -31.75
N ASP A 531 3.27 -8.36 -32.41
CA ASP A 531 3.29 -8.46 -33.86
C ASP A 531 2.38 -7.37 -34.45
N THR A 532 1.17 -7.24 -33.89
CA THR A 532 0.18 -6.31 -34.39
C THR A 532 0.72 -4.89 -34.31
N LEU A 533 1.35 -4.57 -33.17
CA LEU A 533 1.73 -3.19 -32.87
C LEU A 533 2.97 -2.78 -33.65
N VAL A 534 3.90 -3.72 -33.84
CA VAL A 534 5.08 -3.46 -34.65
C VAL A 534 4.64 -3.13 -36.08
N GLU A 535 3.56 -3.75 -36.57
CA GLU A 535 3.06 -3.49 -37.91
C GLU A 535 2.36 -2.12 -37.94
N SER A 536 1.55 -1.80 -36.91
CA SER A 536 0.53 -0.75 -37.01
C SER A 536 1.00 0.59 -36.42
N LEU A 537 1.92 0.56 -35.43
CA LEU A 537 2.33 1.79 -34.73
C LEU A 537 3.23 2.61 -35.66
N PRO A 538 3.26 3.94 -35.46
CA PRO A 538 4.24 4.79 -36.14
C PRO A 538 5.61 4.61 -35.51
N SER A 539 6.67 4.98 -36.26
CA SER A 539 8.00 5.07 -35.74
C SER A 539 8.02 6.14 -34.65
N THR A 540 8.89 5.98 -33.66
CA THR A 540 9.08 7.02 -32.65
C THR A 540 9.39 8.33 -33.38
N TYR A 541 10.29 8.25 -34.37
CA TYR A 541 10.68 9.40 -35.21
C TYR A 541 9.46 10.14 -35.78
N ASP A 542 8.57 9.41 -36.46
CA ASP A 542 7.40 10.03 -37.08
C ASP A 542 6.47 10.61 -36.00
N LEU A 543 6.28 9.92 -34.87
CA LEU A 543 5.36 10.46 -33.85
C LEU A 543 5.94 11.75 -33.26
N LEU A 544 7.25 11.80 -33.00
CA LEU A 544 7.85 13.02 -32.44
C LEU A 544 7.64 14.19 -33.41
N ARG A 545 7.86 13.93 -34.70
CA ARG A 545 7.76 14.98 -35.71
C ARG A 545 6.32 15.50 -35.76
N GLN A 546 5.32 14.61 -35.64
CA GLN A 546 3.93 15.06 -35.56
C GLN A 546 3.77 15.94 -34.31
N LEU A 547 4.10 15.37 -33.15
CA LEU A 547 3.93 16.05 -31.84
C LEU A 547 4.61 17.42 -31.83
N HIS A 548 5.87 17.49 -32.26
CA HIS A 548 6.66 18.74 -32.16
C HIS A 548 6.46 19.65 -33.37
N GLY A 549 5.74 19.20 -34.41
CA GLY A 549 5.53 19.98 -35.63
C GLY A 549 6.82 20.37 -36.33
N ALA A 550 7.73 19.40 -36.50
CA ALA A 550 8.94 19.55 -37.33
C ALA A 550 8.63 19.13 -38.78
N SER A 551 7.42 18.56 -38.96
CA SER A 551 6.79 18.29 -40.26
C SER A 551 5.37 18.90 -40.25
N ASP B 22 8.27 -35.72 -8.55
CA ASP B 22 7.03 -35.10 -7.97
C ASP B 22 7.13 -35.04 -6.44
N ASN B 23 7.51 -33.86 -5.92
CA ASN B 23 7.59 -33.56 -4.49
C ASN B 23 6.35 -32.78 -4.01
N ARG B 24 5.29 -32.75 -4.79
CA ARG B 24 4.08 -32.00 -4.40
C ARG B 24 3.39 -32.66 -3.19
N ILE B 25 2.65 -31.82 -2.45
CA ILE B 25 1.67 -32.27 -1.52
C ILE B 25 0.68 -33.15 -2.28
N LYS B 26 0.32 -34.31 -1.72
CA LYS B 26 -0.70 -35.17 -2.33
C LYS B 26 -2.02 -35.08 -1.55
N THR B 27 -1.91 -34.96 -0.23
CA THR B 27 -3.04 -34.97 0.66
C THR B 27 -2.93 -33.83 1.68
N VAL B 28 -4.03 -33.10 1.81
CA VAL B 28 -4.22 -32.13 2.82
C VAL B 28 -5.32 -32.64 3.75
N VAL B 29 -5.02 -32.64 5.05
CA VAL B 29 -6.02 -33.00 6.06
C VAL B 29 -6.33 -31.78 6.93
N ILE B 30 -7.62 -31.42 6.99
CA ILE B 30 -8.09 -30.30 7.77
C ILE B 30 -8.77 -30.86 9.01
N LEU B 31 -8.31 -30.48 10.21
CA LEU B 31 -8.96 -30.91 11.45
C LEU B 31 -9.95 -29.85 11.86
N GLY B 32 -11.24 -30.22 11.83
CA GLY B 32 -12.28 -29.34 12.27
C GLY B 32 -13.10 -28.82 11.11
N GLY B 33 -14.40 -28.71 11.37
CA GLY B 33 -15.38 -28.12 10.48
C GLY B 33 -15.63 -26.66 10.83
N GLY B 34 -16.90 -26.31 10.99
CA GLY B 34 -17.24 -24.93 11.28
C GLY B 34 -16.82 -24.05 10.13
N THR B 35 -16.80 -22.74 10.36
CA THR B 35 -16.51 -21.82 9.30
C THR B 35 -15.05 -22.01 8.85
N ALA B 36 -14.12 -22.17 9.80
CA ALA B 36 -12.73 -22.17 9.46
C ALA B 36 -12.43 -23.38 8.58
N GLY B 37 -12.94 -24.53 8.98
CA GLY B 37 -12.62 -25.77 8.32
C GLY B 37 -13.21 -25.83 6.92
N TRP B 38 -14.46 -25.42 6.78
CA TRP B 38 -15.15 -25.57 5.51
C TRP B 38 -14.81 -24.41 4.58
N MET B 39 -14.49 -23.23 5.12
CA MET B 39 -13.93 -22.15 4.30
C MET B 39 -12.58 -22.61 3.71
N THR B 40 -11.73 -23.20 4.56
CA THR B 40 -10.44 -23.69 4.09
C THR B 40 -10.65 -24.79 3.03
N ALA B 41 -11.55 -25.74 3.31
CA ALA B 41 -11.76 -26.81 2.37
C ALA B 41 -12.27 -26.27 1.02
N ALA B 42 -13.23 -25.33 1.05
CA ALA B 42 -13.84 -24.86 -0.20
C ALA B 42 -12.79 -24.14 -1.05
N TYR B 43 -11.99 -23.30 -0.39
CA TYR B 43 -11.03 -22.43 -1.08
C TYR B 43 -9.85 -23.25 -1.61
N LEU B 44 -9.27 -24.10 -0.78
CA LEU B 44 -8.17 -24.95 -1.25
C LEU B 44 -8.68 -25.90 -2.34
N GLY B 45 -9.91 -26.41 -2.18
CA GLY B 45 -10.54 -27.22 -3.25
C GLY B 45 -10.49 -26.51 -4.58
N LYS B 46 -10.88 -25.23 -4.57
CA LYS B 46 -10.84 -24.38 -5.75
C LYS B 46 -9.40 -24.12 -6.19
N ALA B 47 -8.54 -23.70 -5.26
CA ALA B 47 -7.17 -23.27 -5.53
C ALA B 47 -6.32 -24.40 -6.13
N LEU B 48 -6.53 -25.64 -5.69
CA LEU B 48 -5.60 -26.71 -6.05
C LEU B 48 -6.11 -27.60 -7.21
N GLN B 49 -7.27 -27.29 -7.77
CA GLN B 49 -7.66 -27.75 -9.13
C GLN B 49 -7.58 -29.28 -9.26
N ASN B 50 -8.10 -29.96 -8.22
CA ASN B 50 -8.24 -31.44 -8.14
C ASN B 50 -6.87 -32.14 -8.21
N THR B 51 -5.75 -31.44 -7.95
CA THR B 51 -4.43 -32.06 -7.98
C THR B 51 -4.08 -32.62 -6.59
N VAL B 52 -4.88 -32.30 -5.56
CA VAL B 52 -4.65 -32.73 -4.19
C VAL B 52 -5.93 -33.32 -3.61
N LYS B 53 -5.80 -34.44 -2.87
CA LYS B 53 -6.87 -34.97 -2.04
C LYS B 53 -7.03 -34.13 -0.76
N ILE B 54 -8.23 -33.60 -0.55
CA ILE B 54 -8.56 -32.82 0.66
C ILE B 54 -9.58 -33.59 1.50
N VAL B 55 -9.26 -33.72 2.79
CA VAL B 55 -10.09 -34.38 3.76
C VAL B 55 -10.36 -33.40 4.91
N VAL B 56 -11.63 -33.35 5.34
CA VAL B 56 -12.01 -32.65 6.52
C VAL B 56 -12.46 -33.69 7.54
N LEU B 57 -11.82 -33.66 8.71
CA LEU B 57 -12.15 -34.52 9.86
C LEU B 57 -12.87 -33.65 10.87
N GLU B 58 -14.16 -33.93 11.03
CA GLU B 58 -15.03 -33.13 11.86
C GLU B 58 -15.82 -34.08 12.76
N ALA B 59 -15.72 -33.86 14.08
CA ALA B 59 -16.52 -34.62 15.07
C ALA B 59 -18.01 -34.38 14.82
N PRO B 60 -18.86 -35.43 14.88
CA PRO B 60 -20.29 -35.28 14.55
C PRO B 60 -20.95 -34.05 15.21
N THR B 61 -20.64 -33.78 16.48
CA THR B 61 -21.17 -32.62 17.25
C THR B 61 -22.30 -31.95 16.46
N ILE B 62 -23.51 -32.49 16.68
CA ILE B 62 -24.73 -32.19 15.95
C ILE B 62 -25.22 -30.78 16.30
N PRO B 63 -25.27 -30.41 17.60
CA PRO B 63 -26.19 -29.35 18.06
C PRO B 63 -25.85 -27.89 17.72
N ARG B 64 -25.63 -27.60 16.43
CA ARG B 64 -25.34 -26.24 15.92
C ARG B 64 -26.62 -25.39 16.03
N ILE B 65 -26.49 -24.12 16.48
CA ILE B 65 -27.60 -23.39 17.15
C ILE B 65 -28.27 -22.37 16.20
N GLY B 66 -27.66 -21.19 16.06
CA GLY B 66 -28.28 -19.97 15.46
C GLY B 66 -27.43 -18.73 15.73
N VAL B 67 -26.14 -18.86 15.42
CA VAL B 67 -25.12 -17.95 15.87
C VAL B 67 -24.98 -16.84 14.82
N GLY B 68 -25.38 -15.60 15.19
CA GLY B 68 -25.17 -14.45 14.35
C GLY B 68 -23.72 -14.05 14.33
N GLU B 69 -23.18 -13.79 13.13
CA GLU B 69 -21.85 -13.30 12.98
C GLU B 69 -21.85 -12.17 11.96
N ALA B 70 -20.89 -11.25 12.13
CA ALA B 70 -20.72 -10.08 11.29
C ALA B 70 -19.32 -10.12 10.65
N THR B 71 -19.14 -9.33 9.60
CA THR B 71 -17.98 -9.42 8.73
C THR B 71 -17.55 -8.00 8.36
N VAL B 72 -16.56 -7.91 7.47
CA VAL B 72 -16.09 -6.68 6.92
C VAL B 72 -16.24 -6.75 5.41
N PRO B 73 -16.14 -5.60 4.70
CA PRO B 73 -16.57 -5.54 3.30
C PRO B 73 -15.83 -6.37 2.25
N ASN B 74 -14.65 -6.90 2.55
CA ASN B 74 -13.87 -7.61 1.55
C ASN B 74 -14.24 -9.10 1.47
N LEU B 75 -15.18 -9.59 2.27
CA LEU B 75 -15.55 -11.02 2.24
C LEU B 75 -15.88 -11.49 0.81
N GLN B 76 -16.68 -10.72 0.06
CA GLN B 76 -17.17 -11.18 -1.25
C GLN B 76 -15.99 -11.23 -2.24
N ARG B 77 -15.21 -10.15 -2.27
CA ARG B 77 -14.13 -10.01 -3.25
C ARG B 77 -13.00 -11.00 -2.92
N ALA B 78 -12.68 -11.19 -1.63
CA ALA B 78 -11.50 -12.00 -1.27
C ALA B 78 -11.85 -13.50 -1.13
N PHE B 79 -13.12 -13.85 -0.93
CA PHE B 79 -13.46 -15.24 -0.65
C PHE B 79 -14.46 -15.80 -1.68
N PHE B 80 -15.72 -15.37 -1.61
CA PHE B 80 -16.78 -15.95 -2.41
C PHE B 80 -16.51 -15.75 -3.91
N ASP B 81 -15.91 -14.62 -4.30
CA ASP B 81 -15.55 -14.38 -5.71
C ASP B 81 -14.52 -15.42 -6.18
N TYR B 82 -13.58 -15.82 -5.33
CA TYR B 82 -12.59 -16.84 -5.73
C TYR B 82 -13.31 -18.18 -5.98
N LEU B 83 -14.36 -18.47 -5.22
CA LEU B 83 -15.07 -19.78 -5.32
C LEU B 83 -16.04 -19.77 -6.52
N GLY B 84 -16.32 -18.57 -7.03
CA GLY B 84 -17.24 -18.34 -8.11
C GLY B 84 -18.68 -18.32 -7.61
N ILE B 85 -18.89 -17.97 -6.34
CA ILE B 85 -20.25 -17.96 -5.75
C ILE B 85 -20.76 -16.53 -5.67
N PRO B 86 -21.83 -16.18 -6.43
CA PRO B 86 -22.40 -14.83 -6.36
C PRO B 86 -22.95 -14.52 -4.96
N GLU B 87 -22.88 -13.23 -4.61
CA GLU B 87 -23.24 -12.74 -3.31
C GLU B 87 -24.62 -13.26 -2.91
N GLU B 88 -25.62 -13.04 -3.78
CA GLU B 88 -27.00 -13.37 -3.44
C GLU B 88 -27.17 -14.88 -3.17
N GLU B 89 -26.40 -15.73 -3.86
CA GLU B 89 -26.50 -17.17 -3.71
C GLU B 89 -26.13 -17.61 -2.28
N TRP B 90 -24.95 -17.21 -1.80
CA TRP B 90 -24.58 -17.61 -0.47
C TRP B 90 -25.47 -16.90 0.55
N MET B 91 -25.90 -15.66 0.29
CA MET B 91 -26.69 -14.92 1.29
C MET B 91 -28.03 -15.63 1.56
N ARG B 92 -28.68 -16.13 0.51
CA ARG B 92 -29.98 -16.78 0.63
C ARG B 92 -29.87 -18.10 1.41
N GLU B 93 -28.66 -18.65 1.59
CA GLU B 93 -28.52 -19.93 2.29
C GLU B 93 -28.12 -19.75 3.75
N CYS B 94 -28.00 -18.52 4.25
CA CYS B 94 -27.60 -18.35 5.64
C CYS B 94 -28.27 -17.14 6.28
N ASN B 95 -29.47 -16.83 5.81
CA ASN B 95 -30.27 -15.80 6.34
C ASN B 95 -29.44 -14.52 6.48
N ALA B 96 -28.63 -14.21 5.48
CA ALA B 96 -27.73 -13.06 5.61
C ALA B 96 -28.50 -11.74 5.60
N SER B 97 -27.89 -10.71 6.20
CA SER B 97 -28.37 -9.35 6.20
C SER B 97 -27.17 -8.41 5.92
N TYR B 98 -27.43 -7.09 5.90
CA TYR B 98 -26.51 -6.08 5.50
C TYR B 98 -25.97 -5.33 6.72
N LYS B 99 -24.66 -5.09 6.70
CA LYS B 99 -23.97 -4.36 7.77
C LYS B 99 -23.27 -3.15 7.15
N MET B 100 -23.79 -1.95 7.38
CA MET B 100 -23.15 -0.75 6.84
C MET B 100 -22.10 -0.19 7.81
N ALA B 101 -22.14 -0.62 9.07
CA ALA B 101 -21.23 -0.08 10.09
C ALA B 101 -21.29 -0.97 11.34
N VAL B 102 -20.40 -0.66 12.30
CA VAL B 102 -20.64 -0.92 13.68
C VAL B 102 -21.12 0.40 14.25
N LYS B 103 -22.23 0.36 14.99
CA LYS B 103 -22.74 1.50 15.74
C LYS B 103 -22.44 1.31 17.22
N PHE B 104 -21.71 2.27 17.79
CA PHE B 104 -21.28 2.24 19.18
C PHE B 104 -22.23 3.05 20.05
N ILE B 105 -22.90 2.36 20.98
CA ILE B 105 -23.87 2.96 21.85
C ILE B 105 -23.37 2.96 23.30
N ASN B 106 -23.33 4.14 23.92
CA ASN B 106 -23.07 4.32 25.36
C ASN B 106 -21.62 4.01 25.76
N TRP B 107 -20.69 4.13 24.81
CA TRP B 107 -19.27 3.97 25.03
C TRP B 107 -18.66 5.19 25.73
N ARG B 108 -19.41 6.29 25.88
CA ARG B 108 -18.83 7.53 26.39
C ARG B 108 -19.46 7.97 27.72
N THR B 109 -20.54 7.31 28.16
CA THR B 109 -21.33 7.74 29.31
C THR B 109 -21.46 6.60 30.32
N PRO B 110 -21.47 6.90 31.63
CA PRO B 110 -21.55 5.87 32.67
C PRO B 110 -22.93 5.23 32.85
N GLY B 111 -22.95 4.06 33.49
CA GLY B 111 -24.19 3.40 33.88
C GLY B 111 -24.31 1.99 33.33
N GLU B 112 -25.39 1.32 33.73
CA GLU B 112 -25.69 -0.04 33.32
C GLU B 112 -26.00 -0.03 31.81
N GLY B 113 -25.95 -1.21 31.19
CA GLY B 113 -26.31 -1.33 29.79
C GLY B 113 -27.75 -0.87 29.54
N SER B 114 -27.94 -0.19 28.42
CA SER B 114 -29.24 -0.01 27.83
C SER B 114 -29.10 -0.11 26.32
N PRO B 115 -30.07 -0.67 25.58
CA PRO B 115 -30.08 -0.58 24.12
C PRO B 115 -30.29 0.86 23.64
N ASP B 116 -30.84 1.70 24.53
CA ASP B 116 -31.15 3.10 24.25
C ASP B 116 -29.95 3.96 24.63
N PRO B 117 -29.51 4.88 23.76
CA PRO B 117 -28.36 5.72 24.07
C PRO B 117 -28.69 6.78 25.11
N ARG B 118 -27.72 7.05 25.99
CA ARG B 118 -27.76 8.17 26.89
C ARG B 118 -27.48 9.46 26.11
N THR B 119 -27.70 10.58 26.79
CA THR B 119 -27.50 11.91 26.25
C THR B 119 -26.15 12.44 26.71
N LEU B 120 -25.36 12.98 25.79
CA LEU B 120 -24.15 13.70 26.17
C LEU B 120 -24.56 15.09 26.65
N ASP B 121 -23.58 15.84 27.17
CA ASP B 121 -23.80 17.18 27.72
C ASP B 121 -24.36 18.14 26.66
N ASP B 122 -24.02 17.92 25.38
CA ASP B 122 -24.50 18.79 24.29
C ASP B 122 -25.91 18.44 23.84
N GLY B 123 -26.46 17.31 24.31
CA GLY B 123 -27.81 16.86 23.99
C GLY B 123 -27.85 15.76 22.93
N HIS B 124 -26.72 15.49 22.26
CA HIS B 124 -26.67 14.42 21.26
C HIS B 124 -26.71 13.07 21.98
N THR B 125 -27.30 12.05 21.33
CA THR B 125 -27.25 10.69 21.84
C THR B 125 -25.78 10.23 21.91
N ASP B 126 -25.49 9.35 22.88
CA ASP B 126 -24.20 8.73 22.97
C ASP B 126 -24.16 7.59 21.93
N THR B 127 -24.08 7.98 20.65
CA THR B 127 -23.92 7.07 19.51
C THR B 127 -22.83 7.62 18.60
N PHE B 128 -22.09 6.69 17.98
CA PHE B 128 -21.18 7.03 16.90
C PHE B 128 -20.99 5.79 16.06
N HIS B 129 -20.80 6.03 14.75
CA HIS B 129 -20.83 4.99 13.76
C HIS B 129 -19.43 4.80 13.17
N HIS B 130 -19.15 3.57 12.76
CA HIS B 130 -17.98 3.24 12.05
C HIS B 130 -18.39 2.63 10.72
N PRO B 131 -18.76 3.47 9.74
CA PRO B 131 -19.16 3.00 8.42
C PRO B 131 -17.97 2.63 7.55
N PHE B 132 -18.28 1.95 6.44
CA PHE B 132 -17.30 1.43 5.51
C PHE B 132 -17.21 2.30 4.26
N GLY B 133 -18.00 3.39 4.20
CA GLY B 133 -17.99 4.34 3.06
C GLY B 133 -16.60 4.92 2.85
N LEU B 134 -16.32 5.29 1.60
CA LEU B 134 -15.09 5.97 1.24
C LEU B 134 -15.29 7.47 1.47
N LEU B 135 -14.33 8.12 2.14
CA LEU B 135 -14.38 9.58 2.34
C LEU B 135 -13.95 10.24 1.04
N PRO B 136 -14.69 11.24 0.53
CA PRO B 136 -14.20 12.01 -0.61
C PRO B 136 -13.06 12.95 -0.15
N SER B 137 -12.32 13.46 -1.12
CA SER B 137 -11.23 14.37 -0.90
C SER B 137 -11.44 15.61 -1.77
N ALA B 138 -10.78 16.69 -1.33
CA ALA B 138 -10.60 17.87 -2.11
C ALA B 138 -9.12 18.23 -2.00
N ASP B 139 -8.46 18.45 -3.13
CA ASP B 139 -7.06 18.88 -3.14
C ASP B 139 -6.18 17.88 -2.36
N GLN B 140 -6.48 16.59 -2.50
CA GLN B 140 -5.66 15.46 -2.01
C GLN B 140 -5.69 15.39 -0.48
N ILE B 141 -6.78 15.90 0.10
CA ILE B 141 -7.00 15.94 1.53
C ILE B 141 -8.38 15.35 1.80
N PRO B 142 -8.51 14.31 2.65
CA PRO B 142 -9.80 13.72 2.93
C PRO B 142 -10.76 14.65 3.69
N LEU B 143 -12.06 14.41 3.52
CA LEU B 143 -13.08 15.24 4.08
C LEU B 143 -12.92 15.30 5.61
N SER B 144 -12.45 14.20 6.22
CA SER B 144 -12.24 14.15 7.65
C SER B 144 -11.52 15.41 8.14
N HIS B 145 -10.54 15.84 7.35
CA HIS B 145 -9.63 16.87 7.77
C HIS B 145 -10.26 18.26 7.68
N TYR B 146 -11.13 18.46 6.68
CA TYR B 146 -11.90 19.67 6.55
C TYR B 146 -12.91 19.74 7.70
N TRP B 147 -13.46 18.59 8.10
CA TRP B 147 -14.38 18.52 9.23
C TRP B 147 -13.64 18.87 10.54
N ALA B 148 -12.48 18.24 10.75
CA ALA B 148 -11.68 18.43 11.97
C ALA B 148 -11.33 19.91 12.10
N ALA B 149 -11.02 20.56 10.97
CA ALA B 149 -10.62 21.96 11.01
C ALA B 149 -11.77 22.83 11.52
N LYS B 150 -12.98 22.63 10.99
CA LYS B 150 -14.15 23.37 11.40
C LYS B 150 -14.48 23.10 12.87
N ARG B 151 -14.37 21.82 13.26
CA ARG B 151 -14.75 21.36 14.57
C ARG B 151 -13.83 22.01 15.61
N LEU B 152 -12.53 21.99 15.34
CA LEU B 152 -11.51 22.55 16.23
C LEU B 152 -11.58 24.08 16.24
N GLN B 153 -12.03 24.68 15.13
CA GLN B 153 -12.01 26.15 14.91
C GLN B 153 -13.33 26.78 15.40
N GLY B 154 -14.26 25.99 15.92
CA GLY B 154 -15.53 26.45 16.45
C GLY B 154 -16.67 26.51 15.42
N GLU B 155 -16.40 26.21 14.15
CA GLU B 155 -17.28 26.55 13.00
C GLU B 155 -18.37 25.48 12.75
N THR B 156 -18.27 24.30 13.37
CA THR B 156 -19.34 23.28 13.28
C THR B 156 -19.44 22.54 14.61
N ASP B 157 -20.66 22.13 14.95
CA ASP B 157 -20.97 21.34 16.14
C ASP B 157 -21.22 19.88 15.75
N GLU B 158 -21.32 19.64 14.44
CA GLU B 158 -21.71 18.37 13.86
C GLU B 158 -20.67 17.29 14.18
N ASN B 159 -21.15 16.06 14.41
CA ASN B 159 -20.30 14.90 14.66
C ASN B 159 -19.66 14.44 13.34
N PHE B 160 -18.47 13.87 13.44
CA PHE B 160 -17.75 13.37 12.29
C PHE B 160 -18.63 12.44 11.42
N ASP B 161 -19.29 11.46 12.02
CA ASP B 161 -20.03 10.44 11.25
C ASP B 161 -21.15 11.12 10.45
N GLU B 162 -21.88 12.03 11.08
CA GLU B 162 -22.97 12.78 10.45
C GLU B 162 -22.45 13.70 9.35
N ALA B 163 -21.32 14.39 9.60
CA ALA B 163 -20.78 15.35 8.63
C ALA B 163 -20.27 14.64 7.36
N CYS B 164 -19.64 13.46 7.51
CA CYS B 164 -18.73 12.93 6.50
C CYS B 164 -19.23 11.68 5.79
N PHE B 165 -20.27 11.01 6.29
CA PHE B 165 -20.86 9.84 5.63
C PHE B 165 -22.38 9.96 5.46
N ALA B 166 -22.84 9.90 4.21
CA ALA B 166 -24.26 9.77 3.90
C ALA B 166 -24.84 8.54 4.61
N ASP B 167 -23.98 7.52 4.73
CA ASP B 167 -24.30 6.25 5.32
C ASP B 167 -24.98 6.40 6.68
N THR B 168 -24.56 7.39 7.46
CA THR B 168 -25.07 7.63 8.78
C THR B 168 -26.58 7.94 8.71
N ALA B 169 -26.98 8.80 7.78
CA ALA B 169 -28.42 9.16 7.58
C ALA B 169 -29.21 7.91 7.18
N ILE B 170 -28.64 7.08 6.32
CA ILE B 170 -29.27 5.89 5.81
C ILE B 170 -29.53 4.91 6.97
N MET B 171 -28.52 4.72 7.82
CA MET B 171 -28.63 3.79 8.93
C MET B 171 -29.63 4.29 9.97
N ASN B 172 -29.63 5.60 10.25
CA ASN B 172 -30.56 6.18 11.19
C ASN B 172 -32.00 5.91 10.73
N ALA B 173 -32.22 5.85 9.40
CA ALA B 173 -33.56 5.60 8.86
C ALA B 173 -33.80 4.10 8.61
N LYS B 174 -32.78 3.26 8.89
CA LYS B 174 -32.81 1.82 8.70
C LYS B 174 -32.97 1.45 7.22
N LYS B 175 -32.62 2.35 6.30
CA LYS B 175 -32.69 2.05 4.88
C LYS B 175 -31.53 1.13 4.48
N ALA B 176 -31.71 0.49 3.32
CA ALA B 176 -30.80 -0.54 2.84
C ALA B 176 -29.64 0.07 2.07
N PRO B 177 -28.49 -0.66 1.95
CA PRO B 177 -27.37 -0.21 1.12
C PRO B 177 -27.49 -0.51 -0.38
N ARG B 178 -28.60 -1.13 -0.79
CA ARG B 178 -28.95 -1.33 -2.17
C ARG B 178 -30.40 -0.92 -2.40
N PHE B 179 -30.67 -0.43 -3.63
CA PHE B 179 -32.03 -0.24 -4.13
C PHE B 179 -32.68 -1.61 -4.34
N LEU B 180 -34.01 -1.62 -4.55
CA LEU B 180 -34.78 -2.83 -4.80
C LEU B 180 -34.32 -3.49 -6.09
N ASP B 181 -33.80 -2.71 -7.05
CA ASP B 181 -33.27 -3.27 -8.28
C ASP B 181 -31.89 -3.90 -8.02
N MET B 182 -31.45 -3.88 -6.75
CA MET B 182 -30.19 -4.48 -6.26
C MET B 182 -28.94 -3.72 -6.73
N ARG B 183 -29.10 -2.47 -7.23
CA ARG B 183 -27.96 -1.62 -7.52
C ARG B 183 -27.44 -1.00 -6.20
N ARG B 184 -26.13 -0.71 -6.18
CA ARG B 184 -25.46 -0.29 -4.94
C ARG B 184 -25.71 1.18 -4.62
N ALA B 185 -26.00 1.47 -3.35
CA ALA B 185 -26.06 2.83 -2.82
C ALA B 185 -24.82 3.18 -1.97
N THR B 186 -24.30 2.21 -1.22
CA THR B 186 -23.21 2.41 -0.27
C THR B 186 -22.38 1.11 -0.18
N ASN B 187 -21.19 1.25 0.37
CA ASN B 187 -20.39 0.09 0.78
C ASN B 187 -21.05 -0.63 1.96
N TYR B 188 -20.79 -1.93 2.11
CA TYR B 188 -21.32 -2.66 3.25
C TYR B 188 -20.60 -4.00 3.40
N ALA B 189 -20.84 -4.63 4.55
CA ALA B 189 -20.44 -5.99 4.86
C ALA B 189 -21.71 -6.76 5.24
N TRP B 190 -21.59 -7.90 5.90
CA TRP B 190 -22.69 -8.83 6.04
C TRP B 190 -22.89 -9.26 7.50
N HIS B 191 -24.14 -9.61 7.79
CA HIS B 191 -24.49 -10.43 8.94
C HIS B 191 -24.92 -11.81 8.43
N PHE B 192 -24.60 -12.88 9.15
CA PHE B 192 -25.06 -14.18 8.71
C PHE B 192 -25.08 -15.18 9.86
N ASP B 193 -25.80 -16.28 9.62
CA ASP B 193 -25.90 -17.39 10.52
C ASP B 193 -24.70 -18.30 10.24
N ALA B 194 -23.83 -18.46 11.23
CA ALA B 194 -22.51 -19.06 11.00
C ALA B 194 -22.68 -20.55 10.71
N SER B 195 -23.59 -21.19 11.46
CA SER B 195 -23.92 -22.60 11.26
C SER B 195 -24.33 -22.85 9.80
N LYS B 196 -25.17 -21.96 9.27
CA LYS B 196 -25.72 -22.13 7.93
C LYS B 196 -24.67 -21.92 6.84
N VAL B 197 -23.80 -20.92 6.98
CA VAL B 197 -22.74 -20.66 6.02
C VAL B 197 -21.80 -21.88 6.00
N ALA B 198 -21.53 -22.44 7.17
CA ALA B 198 -20.70 -23.64 7.28
C ALA B 198 -21.34 -24.84 6.55
N ALA B 199 -22.67 -25.00 6.68
CA ALA B 199 -23.40 -26.05 6.01
C ALA B 199 -23.32 -25.83 4.49
N PHE B 200 -23.58 -24.60 4.04
CA PHE B 200 -23.54 -24.21 2.63
C PHE B 200 -22.16 -24.53 2.03
N LEU B 201 -21.10 -24.14 2.76
CA LEU B 201 -19.74 -24.36 2.31
C LEU B 201 -19.36 -25.84 2.33
N ARG B 202 -19.80 -26.57 3.36
CA ARG B 202 -19.54 -28.00 3.39
C ARG B 202 -20.12 -28.63 2.12
N ASN B 203 -21.36 -28.29 1.80
CA ASN B 203 -22.04 -28.87 0.65
C ASN B 203 -21.30 -28.52 -0.65
N PHE B 204 -20.90 -27.25 -0.78
CA PHE B 204 -20.11 -26.80 -1.90
C PHE B 204 -18.77 -27.58 -1.99
N ALA B 205 -18.03 -27.64 -0.89
CA ALA B 205 -16.71 -28.30 -0.89
C ALA B 205 -16.85 -29.77 -1.32
N VAL B 206 -17.84 -30.46 -0.74
CA VAL B 206 -18.00 -31.92 -0.94
C VAL B 206 -18.52 -32.19 -2.35
N THR B 207 -19.58 -31.46 -2.74
CA THR B 207 -20.29 -31.76 -4.01
C THR B 207 -19.56 -31.18 -5.22
N LYS B 208 -18.92 -30.01 -5.07
CA LYS B 208 -18.32 -29.35 -6.22
C LYS B 208 -16.78 -29.45 -6.22
N GLN B 209 -16.11 -29.63 -5.06
CA GLN B 209 -14.64 -29.61 -5.07
C GLN B 209 -14.05 -30.95 -4.59
N ALA B 210 -14.86 -32.01 -4.53
CA ALA B 210 -14.43 -33.40 -4.23
C ALA B 210 -13.65 -33.52 -2.90
N VAL B 211 -14.00 -32.69 -1.93
CA VAL B 211 -13.47 -32.81 -0.60
C VAL B 211 -14.14 -34.01 0.08
N GLU B 212 -13.39 -34.76 0.89
CA GLU B 212 -13.99 -35.86 1.67
C GLU B 212 -14.33 -35.35 3.07
N HIS B 213 -15.58 -35.57 3.50
CA HIS B 213 -16.02 -35.26 4.84
C HIS B 213 -15.95 -36.56 5.65
N VAL B 214 -14.99 -36.63 6.58
CA VAL B 214 -14.93 -37.71 7.54
C VAL B 214 -15.54 -37.23 8.86
N GLU B 215 -16.66 -37.84 9.20
CA GLU B 215 -17.38 -37.54 10.44
C GLU B 215 -16.91 -38.49 11.53
N ASP B 216 -15.88 -38.07 12.27
CA ASP B 216 -15.30 -38.89 13.29
C ASP B 216 -14.49 -37.99 14.23
N GLU B 217 -14.06 -38.54 15.36
CA GLU B 217 -13.23 -37.88 16.36
C GLU B 217 -11.77 -38.27 16.13
N MET B 218 -10.88 -37.28 16.19
CA MET B 218 -9.45 -37.59 16.16
C MET B 218 -9.05 -38.10 17.56
N THR B 219 -8.32 -39.20 17.59
CA THR B 219 -7.86 -39.80 18.85
C THR B 219 -6.34 -39.63 19.03
N GLU B 220 -5.59 -39.50 17.93
CA GLU B 220 -4.12 -39.41 18.05
C GLU B 220 -3.53 -38.62 16.87
N VAL B 221 -2.55 -37.76 17.16
CA VAL B 221 -1.71 -37.12 16.16
C VAL B 221 -0.39 -37.87 16.06
N LEU B 222 -0.12 -38.42 14.87
CA LEU B 222 1.11 -39.15 14.65
C LEU B 222 2.16 -38.15 14.11
N THR B 223 3.32 -38.09 14.78
CA THR B 223 4.43 -37.26 14.37
C THR B 223 5.72 -38.08 14.28
N ASP B 224 6.61 -37.59 13.42
CA ASP B 224 7.93 -38.18 13.23
C ASP B 224 8.94 -37.44 14.12
N GLU B 225 10.20 -37.86 14.03
CA GLU B 225 11.27 -37.40 14.89
C GLU B 225 11.65 -35.97 14.53
N ARG B 226 11.24 -35.51 13.34
CA ARG B 226 11.47 -34.11 12.87
C ARG B 226 10.30 -33.21 13.26
N GLY B 227 9.34 -33.76 14.00
CA GLY B 227 8.19 -33.02 14.52
C GLY B 227 7.18 -32.71 13.43
N PHE B 228 7.23 -33.45 12.32
CA PHE B 228 6.28 -33.31 11.25
C PHE B 228 5.08 -34.23 11.52
N ILE B 229 3.87 -33.73 11.28
CA ILE B 229 2.68 -34.60 11.37
C ILE B 229 2.66 -35.55 10.16
N THR B 230 2.37 -36.85 10.38
CA THR B 230 2.25 -37.84 9.27
C THR B 230 0.81 -38.34 9.08
N ALA B 231 -0.01 -38.31 10.15
CA ALA B 231 -1.37 -38.84 10.09
C ALA B 231 -2.17 -38.43 11.33
N LEU B 232 -3.49 -38.45 11.20
CA LEU B 232 -4.41 -38.36 12.30
C LEU B 232 -5.13 -39.71 12.41
N ARG B 233 -5.20 -40.25 13.62
CA ARG B 233 -5.95 -41.47 13.88
C ARG B 233 -7.34 -41.04 14.34
N THR B 234 -8.35 -41.77 13.87
CA THR B 234 -9.75 -41.47 14.19
C THR B 234 -10.30 -42.54 15.14
N LYS B 235 -11.33 -42.19 15.90
CA LYS B 235 -12.01 -43.09 16.84
C LYS B 235 -12.50 -44.37 16.13
N SER B 236 -12.93 -44.26 14.87
CA SER B 236 -13.45 -45.41 14.12
C SER B 236 -12.33 -46.39 13.75
N GLY B 237 -11.08 -45.92 13.78
CA GLY B 237 -9.91 -46.74 13.54
C GLY B 237 -9.20 -46.36 12.25
N ARG B 238 -9.85 -45.52 11.46
CA ARG B 238 -9.28 -45.03 10.22
C ARG B 238 -8.06 -44.15 10.54
N ILE B 239 -7.00 -44.33 9.76
CA ILE B 239 -5.78 -43.51 9.83
C ILE B 239 -5.77 -42.60 8.60
N LEU B 240 -5.81 -41.29 8.84
CA LEU B 240 -5.78 -40.32 7.76
C LEU B 240 -4.33 -39.83 7.58
N GLN B 241 -3.67 -40.39 6.58
CA GLN B 241 -2.34 -39.96 6.21
C GLN B 241 -2.48 -38.62 5.48
N GLY B 242 -1.50 -37.76 5.69
CA GLY B 242 -1.46 -36.47 5.06
C GLY B 242 -0.05 -35.92 4.98
N ASP B 243 0.11 -34.95 4.07
CA ASP B 243 1.35 -34.24 3.83
C ASP B 243 1.35 -32.85 4.48
N LEU B 244 0.16 -32.21 4.50
CA LEU B 244 -0.08 -30.90 5.09
C LEU B 244 -1.34 -30.96 5.93
N PHE B 245 -1.28 -30.37 7.13
CA PHE B 245 -2.34 -30.40 8.10
C PHE B 245 -2.72 -28.96 8.44
N VAL B 246 -4.01 -28.69 8.34
CA VAL B 246 -4.57 -27.44 8.70
C VAL B 246 -5.34 -27.63 9.98
N ASP B 247 -4.94 -26.89 11.01
CA ASP B 247 -5.57 -26.96 12.32
C ASP B 247 -6.70 -25.94 12.37
N CYS B 248 -7.92 -26.42 12.20
CA CYS B 248 -9.13 -25.65 12.37
C CYS B 248 -9.91 -26.18 13.59
N SER B 249 -9.18 -26.61 14.62
CA SER B 249 -9.77 -27.33 15.78
C SER B 249 -10.28 -26.35 16.82
N GLY B 250 -10.13 -25.03 16.59
CA GLY B 250 -10.65 -24.01 17.52
C GLY B 250 -9.65 -23.72 18.63
N PHE B 251 -10.13 -23.21 19.77
CA PHE B 251 -9.28 -22.63 20.78
C PHE B 251 -8.29 -23.65 21.39
N ARG B 252 -8.63 -24.94 21.35
CA ARG B 252 -7.77 -26.00 21.89
C ARG B 252 -6.51 -26.19 21.02
N GLY B 253 -6.54 -25.79 19.75
CA GLY B 253 -5.36 -25.91 18.90
C GLY B 253 -4.71 -27.27 19.03
N LEU B 254 -5.49 -28.32 18.74
CA LEU B 254 -5.09 -29.71 18.99
C LEU B 254 -3.82 -30.08 18.22
N LEU B 255 -3.61 -29.47 17.05
CA LEU B 255 -2.41 -29.77 16.26
C LEU B 255 -1.30 -28.76 16.60
N ILE B 256 -1.57 -27.46 16.38
CA ILE B 256 -0.53 -26.43 16.48
C ILE B 256 -0.03 -26.27 17.91
N ASN B 257 -0.92 -26.30 18.90
CA ASN B 257 -0.54 -26.07 20.27
C ASN B 257 -0.28 -27.38 20.99
N LYS B 258 -1.19 -28.35 20.86
CA LYS B 258 -1.14 -29.53 21.70
C LYS B 258 -0.09 -30.51 21.15
N ALA B 259 -0.13 -30.82 19.84
CA ALA B 259 0.79 -31.82 19.24
C ALA B 259 2.15 -31.18 18.91
N MET B 260 2.15 -30.00 18.28
CA MET B 260 3.38 -29.34 17.81
C MET B 260 4.05 -28.57 18.96
N GLU B 261 3.31 -28.34 20.05
CA GLU B 261 3.77 -27.56 21.21
C GLU B 261 4.15 -26.12 20.84
N GLU B 262 3.50 -25.53 19.80
CA GLU B 262 3.79 -24.12 19.52
C GLU B 262 3.15 -23.28 20.62
N PRO B 263 3.91 -22.37 21.26
CA PRO B 263 3.35 -21.53 22.32
C PRO B 263 2.34 -20.50 21.75
N PHE B 264 1.33 -20.19 22.57
CA PHE B 264 0.32 -19.19 22.28
C PHE B 264 0.70 -17.94 23.03
N ILE B 265 0.66 -16.79 22.35
CA ILE B 265 0.98 -15.55 22.99
C ILE B 265 -0.31 -14.91 23.51
N ASP B 266 -0.49 -14.96 24.82
CA ASP B 266 -1.59 -14.37 25.53
C ASP B 266 -1.45 -12.85 25.44
N MET B 267 -2.50 -12.17 24.94
CA MET B 267 -2.43 -10.72 24.76
C MET B 267 -3.49 -10.00 25.60
N SER B 268 -3.73 -10.55 26.80
CA SER B 268 -4.67 -9.96 27.74
C SER B 268 -4.11 -8.65 28.35
N ASP B 269 -2.87 -8.31 28.00
CA ASP B 269 -2.27 -7.05 28.33
C ASP B 269 -2.51 -6.02 27.22
N HIS B 270 -3.26 -6.40 26.18
CA HIS B 270 -3.69 -5.47 25.12
C HIS B 270 -5.21 -5.26 25.19
N LEU B 271 -5.93 -6.36 25.45
CA LEU B 271 -7.39 -6.40 25.49
C LEU B 271 -7.82 -7.27 26.67
N LEU B 272 -8.77 -6.76 27.45
CA LEU B 272 -9.17 -7.36 28.73
C LEU B 272 -10.30 -8.38 28.58
N CYS B 273 -11.23 -8.15 27.65
CA CYS B 273 -12.36 -9.08 27.50
C CYS B 273 -11.84 -10.46 27.09
N ASN B 274 -12.45 -11.50 27.68
CA ASN B 274 -12.00 -12.87 27.53
C ASN B 274 -13.16 -13.89 27.54
N SER B 275 -14.41 -13.43 27.51
CA SER B 275 -15.54 -14.29 27.66
C SER B 275 -16.72 -13.69 26.90
N ALA B 276 -17.70 -14.53 26.59
CA ALA B 276 -18.94 -14.08 26.05
C ALA B 276 -20.08 -15.00 26.48
N VAL B 277 -21.24 -14.39 26.70
CA VAL B 277 -22.49 -15.09 26.86
C VAL B 277 -23.43 -14.59 25.76
N ALA B 278 -24.01 -15.54 25.02
CA ALA B 278 -24.73 -15.22 23.79
C ALA B 278 -26.05 -16.02 23.66
N THR B 279 -26.98 -15.42 22.91
CA THR B 279 -28.23 -16.03 22.58
C THR B 279 -28.74 -15.42 21.28
N ALA B 280 -29.81 -16.00 20.74
CA ALA B 280 -30.49 -15.43 19.59
C ALA B 280 -31.88 -14.97 20.06
N VAL B 281 -32.23 -13.73 19.72
CA VAL B 281 -33.45 -13.12 20.20
C VAL B 281 -34.44 -12.98 19.06
N PRO B 282 -35.64 -13.62 19.14
CA PRO B 282 -36.70 -13.39 18.14
C PRO B 282 -37.01 -11.89 18.10
N HIS B 283 -37.21 -11.37 16.88
CA HIS B 283 -37.38 -9.96 16.64
C HIS B 283 -38.61 -9.70 15.78
N ASP B 284 -39.35 -8.65 16.14
CA ASP B 284 -40.54 -8.17 15.42
C ASP B 284 -40.13 -7.14 14.37
N ASP B 285 -39.72 -7.66 13.20
CA ASP B 285 -39.24 -6.85 12.09
C ASP B 285 -40.38 -5.92 11.61
N GLU B 286 -41.62 -6.41 11.66
CA GLU B 286 -42.81 -5.62 11.24
C GLU B 286 -42.90 -4.35 12.07
N LYS B 287 -42.76 -4.49 13.38
CA LYS B 287 -42.91 -3.39 14.30
C LYS B 287 -41.66 -2.49 14.23
N ASN B 288 -40.46 -3.08 14.22
CA ASN B 288 -39.25 -2.33 14.55
C ASN B 288 -38.35 -2.07 13.32
N GLY B 289 -38.62 -2.72 12.18
CA GLY B 289 -37.70 -2.69 11.05
C GLY B 289 -36.45 -3.50 11.34
N VAL B 290 -35.47 -3.49 10.42
CA VAL B 290 -34.20 -4.22 10.61
C VAL B 290 -33.08 -3.20 10.44
N GLU B 291 -32.19 -3.15 11.42
CA GLU B 291 -31.05 -2.22 11.39
C GLU B 291 -29.99 -2.78 10.47
N PRO B 292 -29.50 -2.01 9.48
CA PRO B 292 -28.42 -2.44 8.59
C PRO B 292 -27.05 -2.15 9.20
N TYR B 293 -26.84 -2.62 10.43
CA TYR B 293 -25.59 -2.42 11.12
C TYR B 293 -25.53 -3.36 12.31
N THR B 294 -24.31 -3.64 12.76
CA THR B 294 -24.06 -4.29 14.03
C THR B 294 -24.08 -3.20 15.09
N SER B 295 -24.75 -3.47 16.22
CA SER B 295 -24.66 -2.56 17.36
C SER B 295 -23.63 -3.11 18.36
N SER B 296 -22.85 -2.20 18.95
CA SER B 296 -21.94 -2.48 20.06
C SER B 296 -22.38 -1.66 21.28
N ILE B 297 -23.05 -2.33 22.22
CA ILE B 297 -23.77 -1.66 23.29
C ILE B 297 -22.91 -1.80 24.55
N ALA B 298 -22.37 -0.69 25.04
CA ALA B 298 -21.45 -0.71 26.18
C ALA B 298 -22.20 -1.19 27.44
N MET B 299 -21.48 -2.01 28.20
CA MET B 299 -21.95 -2.63 29.42
C MET B 299 -20.99 -2.20 30.53
N GLU B 300 -21.25 -2.63 31.76
CA GLU B 300 -20.43 -2.26 32.90
C GLU B 300 -19.06 -2.96 32.81
N ALA B 301 -19.02 -4.19 32.31
CA ALA B 301 -17.78 -4.93 32.28
C ALA B 301 -17.47 -5.49 30.88
N GLY B 302 -17.95 -4.78 29.84
CA GLY B 302 -17.59 -5.09 28.49
C GLY B 302 -18.57 -4.42 27.55
N TRP B 303 -19.09 -5.18 26.58
CA TRP B 303 -20.07 -4.69 25.63
C TRP B 303 -20.91 -5.86 25.10
N THR B 304 -22.05 -5.52 24.48
CA THR B 304 -22.95 -6.50 23.90
C THR B 304 -23.16 -6.23 22.40
N TRP B 305 -23.06 -7.29 21.60
CA TRP B 305 -23.31 -7.17 20.17
C TRP B 305 -24.80 -7.38 19.90
N LYS B 306 -25.29 -6.69 18.88
CA LYS B 306 -26.57 -6.95 18.25
C LYS B 306 -26.35 -7.11 16.75
N ILE B 307 -26.65 -8.30 16.22
CA ILE B 307 -26.44 -8.63 14.81
C ILE B 307 -27.79 -9.04 14.21
N PRO B 308 -28.54 -8.09 13.63
CA PRO B 308 -29.86 -8.40 13.07
C PRO B 308 -29.77 -9.28 11.82
N MET B 309 -30.76 -10.17 11.71
CA MET B 309 -31.10 -10.83 10.44
C MET B 309 -32.65 -10.94 10.42
N LEU B 310 -33.21 -11.40 9.31
CA LEU B 310 -34.67 -11.53 9.26
C LEU B 310 -35.12 -12.41 10.43
N GLY B 311 -36.02 -11.85 11.25
CA GLY B 311 -36.78 -12.59 12.24
C GLY B 311 -36.10 -12.68 13.60
N ARG B 312 -34.83 -12.29 13.72
CA ARG B 312 -34.10 -12.46 14.99
C ARG B 312 -32.83 -11.60 14.92
N PHE B 313 -32.30 -11.23 16.08
CA PHE B 313 -30.93 -10.71 16.14
C PHE B 313 -30.09 -11.66 16.99
N GLY B 314 -28.88 -11.93 16.52
CA GLY B 314 -27.85 -12.51 17.34
C GLY B 314 -27.41 -11.48 18.37
N SER B 315 -27.16 -11.92 19.61
CA SER B 315 -26.65 -11.01 20.60
C SER B 315 -25.66 -11.75 21.50
N GLY B 316 -24.67 -11.02 21.98
CA GLY B 316 -23.68 -11.58 22.88
C GLY B 316 -23.05 -10.50 23.73
N HIS B 317 -22.99 -10.75 25.05
CA HIS B 317 -22.27 -9.88 25.98
C HIS B 317 -20.84 -10.41 26.10
N VAL B 318 -19.90 -9.64 25.56
CA VAL B 318 -18.47 -9.83 25.67
C VAL B 318 -17.99 -9.15 26.95
N TYR B 319 -17.27 -9.90 27.80
CA TYR B 319 -16.88 -9.38 29.11
C TYR B 319 -15.53 -9.96 29.52
N SER B 320 -14.92 -9.28 30.49
CA SER B 320 -13.77 -9.77 31.22
C SER B 320 -14.23 -10.47 32.50
N ASP B 321 -13.90 -11.76 32.63
CA ASP B 321 -14.24 -12.51 33.81
C ASP B 321 -13.38 -12.11 35.02
N HIS B 322 -12.44 -11.17 34.86
CA HIS B 322 -11.75 -10.54 35.99
C HIS B 322 -12.63 -9.44 36.60
N PHE B 323 -13.67 -9.00 35.88
CA PHE B 323 -14.50 -7.88 36.33
C PHE B 323 -15.97 -8.26 36.49
N ALA B 324 -16.34 -9.44 36.00
CA ALA B 324 -17.68 -9.96 36.15
C ALA B 324 -17.61 -11.48 36.12
N THR B 325 -18.40 -12.13 36.98
CA THR B 325 -18.53 -13.58 36.93
C THR B 325 -19.46 -13.89 35.76
N GLN B 326 -19.45 -15.15 35.30
CA GLN B 326 -20.37 -15.65 34.32
C GLN B 326 -21.81 -15.27 34.70
N ASP B 327 -22.21 -15.58 35.93
CA ASP B 327 -23.59 -15.35 36.42
C ASP B 327 -23.93 -13.85 36.33
N GLU B 328 -23.00 -13.00 36.78
CA GLU B 328 -23.21 -11.56 36.73
C GLU B 328 -23.40 -11.11 35.27
N ALA B 329 -22.51 -11.54 34.38
CA ALA B 329 -22.57 -11.13 32.97
C ALA B 329 -23.90 -11.58 32.34
N THR B 330 -24.28 -12.82 32.65
CA THR B 330 -25.50 -13.43 32.17
C THR B 330 -26.72 -12.61 32.60
N LEU B 331 -26.73 -12.17 33.86
CA LEU B 331 -27.85 -11.43 34.38
C LEU B 331 -27.91 -10.06 33.71
N ALA B 332 -26.76 -9.41 33.54
CA ALA B 332 -26.71 -8.09 32.95
C ALA B 332 -27.11 -8.17 31.46
N PHE B 333 -26.71 -9.24 30.79
CA PHE B 333 -27.07 -9.51 29.40
C PHE B 333 -28.60 -9.64 29.30
N SER B 334 -29.17 -10.46 30.21
CA SER B 334 -30.60 -10.73 30.23
C SER B 334 -31.40 -9.45 30.45
N LYS B 335 -30.95 -8.67 31.43
CA LYS B 335 -31.58 -7.41 31.81
C LYS B 335 -31.59 -6.45 30.62
N LEU B 336 -30.45 -6.36 29.92
CA LEU B 336 -30.34 -5.51 28.77
C LEU B 336 -31.56 -5.68 27.84
N TRP B 337 -31.91 -6.94 27.55
CA TRP B 337 -32.95 -7.25 26.57
C TRP B 337 -34.28 -7.64 27.23
N GLY B 338 -34.32 -7.63 28.56
CA GLY B 338 -35.52 -8.00 29.31
C GLY B 338 -35.86 -9.47 29.15
N LEU B 339 -34.84 -10.30 28.99
CA LEU B 339 -34.98 -11.75 28.88
C LEU B 339 -35.13 -12.37 30.27
N ASP B 340 -35.88 -13.46 30.37
CA ASP B 340 -35.94 -14.31 31.58
C ASP B 340 -34.70 -15.19 31.61
N PRO B 341 -33.75 -15.02 32.56
CA PRO B 341 -32.50 -15.78 32.53
C PRO B 341 -32.70 -17.29 32.33
N ASP B 342 -33.60 -17.91 33.11
CA ASP B 342 -33.74 -19.38 33.16
C ASP B 342 -34.50 -19.92 31.94
N ASN B 343 -35.35 -19.08 31.31
CA ASN B 343 -36.09 -19.43 30.12
C ASN B 343 -35.38 -18.97 28.84
N THR B 344 -34.08 -18.69 28.92
CA THR B 344 -33.28 -18.29 27.77
C THR B 344 -32.17 -19.33 27.56
N GLU B 345 -32.03 -19.75 26.30
CA GLU B 345 -30.94 -20.61 25.86
C GLU B 345 -29.65 -19.78 25.69
N PHE B 346 -28.66 -19.99 26.57
CA PHE B 346 -27.39 -19.25 26.54
C PHE B 346 -26.22 -20.15 26.11
N ASN B 347 -25.33 -19.59 25.28
CA ASN B 347 -24.03 -20.17 24.94
C ASN B 347 -22.95 -19.38 25.67
N HIS B 348 -22.09 -20.09 26.41
CA HIS B 348 -21.01 -19.49 27.15
C HIS B 348 -19.69 -19.92 26.51
N VAL B 349 -18.75 -18.98 26.37
CA VAL B 349 -17.46 -19.29 25.81
C VAL B 349 -16.42 -18.49 26.58
N ARG B 350 -15.30 -19.15 26.87
CA ARG B 350 -14.13 -18.49 27.35
C ARG B 350 -13.16 -18.41 26.16
N PHE B 351 -12.75 -17.19 25.83
CA PHE B 351 -11.90 -16.93 24.69
C PHE B 351 -10.44 -17.14 25.06
N ARG B 352 -9.65 -17.37 24.03
CA ARG B 352 -8.24 -17.21 24.06
C ARG B 352 -7.96 -15.91 23.31
N VAL B 353 -7.35 -14.91 23.91
CA VAL B 353 -7.06 -13.68 23.19
C VAL B 353 -5.56 -13.59 22.91
N GLY B 354 -5.19 -13.59 21.62
CA GLY B 354 -3.80 -13.47 21.22
C GLY B 354 -3.56 -14.22 19.92
N ARG B 355 -2.33 -14.69 19.73
CA ARG B 355 -1.97 -15.45 18.57
C ARG B 355 -0.83 -16.42 18.91
N ASN B 356 -0.69 -17.45 18.08
CA ASN B 356 0.43 -18.36 18.16
C ASN B 356 1.70 -17.56 17.86
N ARG B 357 2.79 -18.02 18.48
CA ARG B 357 4.08 -17.43 18.21
C ARG B 357 4.35 -17.49 16.70
N ARG B 358 4.04 -18.64 16.11
CA ARG B 358 4.06 -18.86 14.68
C ARG B 358 2.74 -19.55 14.27
N ALA B 359 2.06 -19.03 13.23
CA ALA B 359 0.77 -19.61 12.76
C ALA B 359 0.98 -20.94 12.05
N TRP B 360 2.09 -21.05 11.33
CA TRP B 360 2.47 -22.24 10.59
C TRP B 360 3.81 -22.73 11.14
N VAL B 361 3.84 -24.00 11.58
CA VAL B 361 5.06 -24.65 12.02
C VAL B 361 5.19 -25.98 11.28
N ARG B 362 6.34 -26.22 10.65
CA ARG B 362 6.62 -27.45 9.91
C ARG B 362 5.47 -27.65 8.91
N ASN B 363 4.69 -28.74 9.00
CA ASN B 363 3.60 -29.03 8.04
C ASN B 363 2.22 -28.84 8.69
N CYS B 364 2.14 -27.95 9.67
CA CYS B 364 0.88 -27.63 10.35
C CYS B 364 0.60 -26.13 10.23
N VAL B 365 -0.48 -25.79 9.50
CA VAL B 365 -0.92 -24.40 9.34
C VAL B 365 -2.17 -24.18 10.20
N SER B 366 -2.12 -23.26 11.18
CA SER B 366 -3.32 -23.00 11.98
C SER B 366 -4.18 -21.92 11.29
N VAL B 367 -5.50 -22.08 11.42
CA VAL B 367 -6.49 -21.19 10.78
C VAL B 367 -7.66 -21.07 11.76
N GLY B 368 -8.19 -19.87 11.88
CA GLY B 368 -9.33 -19.61 12.75
C GLY B 368 -8.89 -19.49 14.20
N LEU B 369 -9.71 -19.99 15.13
CA LEU B 369 -9.48 -19.76 16.56
C LEU B 369 -8.19 -20.47 17.04
N ALA B 370 -7.82 -21.53 16.31
CA ALA B 370 -6.60 -22.28 16.53
C ALA B 370 -5.36 -21.41 16.30
N SER B 371 -5.48 -20.37 15.48
CA SER B 371 -4.38 -19.51 15.13
C SER B 371 -4.32 -18.27 16.04
N CYS B 372 -5.43 -17.52 16.09
CA CYS B 372 -5.44 -16.21 16.71
C CYS B 372 -6.89 -15.80 16.95
N PHE B 373 -7.08 -14.84 17.86
CA PHE B 373 -8.39 -14.36 18.15
C PHE B 373 -8.34 -13.04 18.94
N VAL B 374 -9.28 -12.18 18.57
CA VAL B 374 -9.68 -11.05 19.36
C VAL B 374 -11.20 -11.06 19.45
N GLU B 375 -11.73 -10.43 20.49
CA GLU B 375 -13.17 -10.24 20.61
C GLU B 375 -13.71 -9.64 19.31
N PRO B 376 -14.98 -9.95 18.94
CA PRO B 376 -15.55 -9.50 17.67
C PRO B 376 -16.03 -8.04 17.63
N LEU B 377 -15.25 -7.13 18.19
CA LEU B 377 -15.66 -5.74 18.31
C LEU B 377 -15.75 -5.07 16.94
N GLU B 378 -14.91 -5.49 16.01
CA GLU B 378 -14.97 -4.97 14.63
C GLU B 378 -15.13 -6.10 13.62
N SER B 379 -15.61 -7.26 14.07
CA SER B 379 -16.01 -8.35 13.19
C SER B 379 -14.79 -8.90 12.43
N SER B 380 -13.77 -9.38 13.18
CA SER B 380 -12.44 -9.75 12.66
C SER B 380 -12.34 -11.23 12.29
N GLY B 381 -13.19 -12.09 12.90
CA GLY B 381 -13.02 -13.57 12.96
C GLY B 381 -12.95 -14.22 11.58
N ILE B 382 -13.99 -13.99 10.77
CA ILE B 382 -14.07 -14.52 9.41
C ILE B 382 -12.95 -13.91 8.55
N TYR B 383 -12.67 -12.61 8.74
CA TYR B 383 -11.61 -11.92 8.01
C TYR B 383 -10.26 -12.63 8.22
N PHE B 384 -9.94 -12.99 9.48
CA PHE B 384 -8.68 -13.66 9.74
C PHE B 384 -8.67 -15.04 9.07
N ILE B 385 -9.84 -15.66 8.93
CA ILE B 385 -9.88 -16.95 8.25
C ILE B 385 -9.52 -16.77 6.78
N TYR B 386 -10.26 -15.92 6.04
CA TYR B 386 -10.05 -15.88 4.60
C TYR B 386 -8.73 -15.20 4.27
N ALA B 387 -8.21 -14.35 5.16
CA ALA B 387 -6.88 -13.76 4.92
C ALA B 387 -5.81 -14.87 5.01
N ALA B 388 -5.91 -15.70 6.05
CA ALA B 388 -5.00 -16.81 6.22
C ALA B 388 -5.08 -17.78 5.04
N ILE B 389 -6.31 -18.10 4.60
CA ILE B 389 -6.50 -19.03 3.50
C ILE B 389 -5.83 -18.48 2.23
N HIS B 390 -6.14 -17.22 1.90
CA HIS B 390 -5.56 -16.49 0.79
C HIS B 390 -4.02 -16.61 0.86
N MET B 391 -3.47 -16.38 2.04
CA MET B 391 -2.01 -16.37 2.20
C MET B 391 -1.42 -17.79 2.14
N LEU B 392 -2.18 -18.78 2.61
CA LEU B 392 -1.71 -20.16 2.51
C LEU B 392 -1.68 -20.57 1.03
N ALA B 393 -2.71 -20.19 0.25
CA ALA B 393 -2.71 -20.59 -1.15
C ALA B 393 -1.58 -19.87 -1.91
N LYS B 394 -1.30 -18.61 -1.55
CA LYS B 394 -0.18 -17.87 -2.15
C LYS B 394 1.16 -18.55 -1.84
N HIS B 395 1.35 -18.91 -0.57
CA HIS B 395 2.58 -19.51 -0.08
C HIS B 395 2.49 -21.03 -0.09
N PHE B 396 1.66 -21.63 -0.96
CA PHE B 396 1.36 -23.05 -0.82
C PHE B 396 2.64 -23.82 -1.08
N PRO B 397 3.02 -24.76 -0.19
CA PRO B 397 4.31 -25.43 -0.28
C PRO B 397 4.30 -26.72 -1.11
N ASP B 398 5.50 -27.28 -1.30
CA ASP B 398 5.65 -28.69 -1.63
C ASP B 398 6.18 -29.41 -0.38
N LYS B 399 6.54 -30.68 -0.52
CA LYS B 399 6.88 -31.51 0.63
C LYS B 399 8.22 -31.06 1.24
N THR B 400 8.97 -30.18 0.58
CA THR B 400 10.21 -29.65 1.13
C THR B 400 9.92 -28.60 2.22
N PHE B 401 8.69 -28.04 2.24
CA PHE B 401 8.32 -26.99 3.19
C PHE B 401 9.43 -25.94 3.31
N ASP B 402 9.68 -25.26 2.19
CA ASP B 402 10.66 -24.22 2.13
C ASP B 402 10.42 -23.25 3.29
N LYS B 403 11.42 -23.07 4.15
CA LYS B 403 11.23 -22.29 5.37
C LYS B 403 10.89 -20.82 5.03
N VAL B 404 11.27 -20.35 3.82
CA VAL B 404 10.97 -18.99 3.43
C VAL B 404 9.46 -18.85 3.23
N LEU B 405 8.83 -19.81 2.56
CA LEU B 405 7.37 -19.80 2.34
C LEU B 405 6.65 -19.72 3.68
N VAL B 406 7.09 -20.54 4.63
CA VAL B 406 6.52 -20.60 5.96
C VAL B 406 6.68 -19.26 6.67
N ASP B 407 7.91 -18.71 6.62
CA ASP B 407 8.24 -17.50 7.32
C ASP B 407 7.41 -16.33 6.78
N ARG B 408 7.28 -16.22 5.46
CA ARG B 408 6.55 -15.11 4.84
C ARG B 408 5.06 -15.21 5.17
N PHE B 409 4.50 -16.41 5.16
CA PHE B 409 3.14 -16.63 5.65
C PHE B 409 2.98 -16.06 7.06
N ASN B 410 3.85 -16.53 7.98
CA ASN B 410 3.79 -16.19 9.39
C ASN B 410 3.85 -14.67 9.61
N ARG B 411 4.73 -13.99 8.86
CA ARG B 411 4.88 -12.53 8.84
C ARG B 411 3.53 -11.88 8.51
N GLU B 412 2.86 -12.38 7.48
CA GLU B 412 1.57 -11.81 7.05
C GLU B 412 0.56 -11.97 8.17
N ILE B 413 0.52 -13.15 8.81
CA ILE B 413 -0.45 -13.42 9.84
C ILE B 413 -0.23 -12.49 11.05
N GLU B 414 1.01 -12.41 11.50
CA GLU B 414 1.40 -11.61 12.68
C GLU B 414 0.97 -10.16 12.49
N GLU B 415 1.29 -9.64 11.29
CA GLU B 415 1.11 -8.23 10.97
C GLU B 415 -0.37 -7.91 10.87
N MET B 416 -1.12 -8.79 10.22
CA MET B 416 -2.57 -8.63 10.07
C MET B 416 -3.22 -8.67 11.47
N PHE B 417 -2.81 -9.62 12.30
CA PHE B 417 -3.40 -9.79 13.59
C PHE B 417 -3.09 -8.58 14.50
N ASP B 418 -1.81 -8.22 14.60
CA ASP B 418 -1.36 -7.22 15.54
C ASP B 418 -2.01 -5.88 15.15
N ASP B 419 -2.17 -5.65 13.85
CA ASP B 419 -2.78 -4.46 13.31
C ASP B 419 -4.24 -4.31 13.80
N THR B 420 -5.00 -5.42 13.76
CA THR B 420 -6.38 -5.39 14.18
C THR B 420 -6.42 -5.30 15.71
N ARG B 421 -5.52 -6.00 16.39
CA ARG B 421 -5.52 -6.02 17.86
C ARG B 421 -5.32 -4.58 18.36
N ASP B 422 -4.47 -3.84 17.66
CA ASP B 422 -4.12 -2.47 18.04
C ASP B 422 -5.28 -1.51 17.75
N PHE B 423 -5.93 -1.68 16.60
CA PHE B 423 -7.16 -0.92 16.27
C PHE B 423 -8.20 -1.09 17.39
N LEU B 424 -8.44 -2.32 17.81
CA LEU B 424 -9.41 -2.61 18.87
C LEU B 424 -9.00 -1.95 20.19
N GLN B 425 -7.71 -2.05 20.55
CA GLN B 425 -7.25 -1.47 21.83
C GLN B 425 -7.59 0.02 21.88
N ALA B 426 -7.49 0.73 20.75
CA ALA B 426 -7.84 2.14 20.70
C ALA B 426 -9.32 2.38 21.07
N HIS B 427 -10.21 1.45 20.78
CA HIS B 427 -11.62 1.63 21.11
C HIS B 427 -11.79 1.79 22.63
N TYR B 428 -10.97 1.10 23.40
CA TYR B 428 -11.07 1.01 24.83
C TYR B 428 -10.19 2.07 25.50
N TYR B 429 -8.96 2.22 25.01
CA TYR B 429 -7.96 3.10 25.61
C TYR B 429 -8.45 4.56 25.62
N PHE B 430 -9.21 4.95 24.60
CA PHE B 430 -9.71 6.33 24.42
C PHE B 430 -11.19 6.47 24.82
N SER B 431 -11.79 5.43 25.40
CA SER B 431 -13.11 5.62 26.02
C SER B 431 -12.95 6.55 27.21
N PRO B 432 -13.80 7.59 27.35
CA PRO B 432 -13.73 8.44 28.54
C PRO B 432 -14.39 7.81 29.79
N ARG B 433 -14.90 6.59 29.72
CA ARG B 433 -15.66 6.04 30.86
C ARG B 433 -14.71 5.70 32.00
N VAL B 434 -15.11 6.03 33.23
CA VAL B 434 -14.31 5.75 34.42
C VAL B 434 -15.18 5.17 35.54
N ASP B 435 -16.41 4.76 35.20
CA ASP B 435 -17.48 4.50 36.16
C ASP B 435 -17.37 3.10 36.79
N THR B 436 -16.68 2.17 36.15
CA THR B 436 -16.51 0.82 36.69
C THR B 436 -15.06 0.40 36.66
N PRO B 437 -14.65 -0.59 37.50
CA PRO B 437 -13.27 -1.07 37.47
C PRO B 437 -12.81 -1.49 36.06
N PHE B 438 -13.72 -2.09 35.28
CA PHE B 438 -13.38 -2.54 33.93
C PHE B 438 -12.95 -1.34 33.06
N TRP B 439 -13.79 -0.30 33.01
CA TRP B 439 -13.50 0.85 32.16
C TRP B 439 -12.22 1.58 32.63
N ARG B 440 -11.97 1.65 33.95
CA ARG B 440 -10.67 2.26 34.44
C ARG B 440 -9.48 1.37 34.08
N ALA B 441 -9.63 0.05 34.18
CA ALA B 441 -8.56 -0.90 33.97
C ALA B 441 -8.03 -0.84 32.53
N ASN B 442 -8.89 -0.50 31.57
CA ASN B 442 -8.47 -0.43 30.15
C ASN B 442 -7.39 0.65 29.97
N LYS B 443 -7.52 1.74 30.73
CA LYS B 443 -6.64 2.85 30.58
C LYS B 443 -5.34 2.61 31.35
N GLU B 444 -5.23 1.51 32.10
CA GLU B 444 -3.98 1.17 32.84
C GLU B 444 -3.08 0.26 31.99
N LEU B 445 -3.59 -0.24 30.88
CA LEU B 445 -2.78 -1.05 29.97
C LEU B 445 -1.80 -0.14 29.23
N LYS B 446 -0.69 -0.69 28.77
CA LYS B 446 0.20 0.10 27.92
C LYS B 446 -0.42 0.13 26.52
N LEU B 447 -0.52 1.35 25.97
CA LEU B 447 -0.96 1.54 24.60
C LEU B 447 0.06 0.91 23.66
N ALA B 448 -0.38 0.04 22.73
CA ALA B 448 0.53 -0.54 21.74
C ALA B 448 1.31 0.55 20.97
N ASP B 449 2.60 0.28 20.71
CA ASP B 449 3.52 1.16 19.93
C ASP B 449 2.89 1.66 18.62
N SER B 450 2.20 0.78 17.87
CA SER B 450 1.69 1.16 16.54
C SER B 450 0.60 2.22 16.67
N ILE B 451 -0.18 2.17 17.75
CA ILE B 451 -1.24 3.10 17.99
C ILE B 451 -0.69 4.36 18.62
N LYS B 452 0.32 4.22 19.50
CA LYS B 452 1.01 5.40 20.00
C LYS B 452 1.41 6.23 18.78
N ASP B 453 1.96 5.57 17.77
CA ASP B 453 2.50 6.27 16.60
C ASP B 453 1.35 6.94 15.81
N LYS B 454 0.28 6.18 15.56
CA LYS B 454 -0.88 6.66 14.77
C LYS B 454 -1.59 7.79 15.48
N VAL B 455 -1.74 7.71 16.80
CA VAL B 455 -2.37 8.77 17.60
C VAL B 455 -1.56 10.06 17.45
N GLU B 456 -0.23 9.96 17.56
CA GLU B 456 0.69 11.11 17.35
C GLU B 456 0.44 11.73 15.96
N THR B 457 0.44 10.89 14.92
CA THR B 457 0.21 11.34 13.56
C THR B 457 -1.16 12.03 13.49
N TYR B 458 -2.20 11.37 14.02
CA TYR B 458 -3.56 11.90 14.04
C TYR B 458 -3.59 13.25 14.77
N ARG B 459 -2.90 13.35 15.89
CA ARG B 459 -2.98 14.58 16.72
C ARG B 459 -2.28 15.75 16.04
N ALA B 460 -1.34 15.50 15.12
CA ALA B 460 -0.74 16.60 14.33
C ALA B 460 -1.67 17.02 13.17
N GLY B 461 -2.82 16.34 13.01
CA GLY B 461 -3.79 16.71 11.94
C GLY B 461 -3.54 15.98 10.63
N LEU B 462 -2.54 15.11 10.61
CA LEU B 462 -2.22 14.32 9.43
C LEU B 462 -3.15 13.12 9.26
N PRO B 463 -3.32 12.64 8.01
CA PRO B 463 -4.06 11.41 7.75
C PRO B 463 -3.32 10.21 8.36
N VAL B 464 -4.08 9.18 8.73
CA VAL B 464 -3.53 7.92 9.21
C VAL B 464 -3.89 6.84 8.20
N ASN B 465 -2.89 6.32 7.48
CA ASN B 465 -3.16 5.27 6.50
C ASN B 465 -4.24 5.70 5.49
N LEU B 466 -3.89 6.62 4.59
CA LEU B 466 -4.79 7.02 3.51
C LEU B 466 -5.17 5.79 2.71
N PRO B 467 -6.44 5.65 2.26
CA PRO B 467 -6.82 4.52 1.42
C PRO B 467 -6.10 4.55 0.06
N VAL B 468 -5.98 3.36 -0.54
CA VAL B 468 -5.20 3.14 -1.78
C VAL B 468 -6.11 3.18 -3.01
N THR B 469 -7.42 2.99 -2.83
CA THR B 469 -8.39 2.94 -3.95
C THR B 469 -9.34 4.15 -3.88
N GLY B 476 -6.67 -8.47 -7.39
CA GLY B 476 -6.40 -7.24 -6.68
C GLY B 476 -5.28 -7.43 -5.66
N ASN B 477 -4.68 -6.30 -5.26
CA ASN B 477 -3.95 -6.21 -4.00
C ASN B 477 -4.93 -5.67 -2.95
N PHE B 478 -6.18 -6.19 -2.99
CA PHE B 478 -7.00 -6.38 -1.79
C PHE B 478 -6.18 -7.26 -0.81
N GLU B 479 -5.21 -7.98 -1.38
CA GLU B 479 -4.14 -8.65 -0.66
C GLU B 479 -3.37 -7.64 0.23
N ALA B 480 -2.92 -6.53 -0.37
CA ALA B 480 -2.20 -5.45 0.36
C ALA B 480 -3.11 -4.80 1.42
N GLU B 481 -4.42 -4.80 1.15
CA GLU B 481 -5.43 -4.36 2.11
C GLU B 481 -5.20 -5.04 3.47
N PHE B 482 -4.82 -6.33 3.48
CA PHE B 482 -4.67 -7.12 4.74
C PHE B 482 -3.59 -6.55 5.68
N ARG B 483 -2.59 -5.83 5.14
CA ARG B 483 -1.39 -5.37 5.94
C ARG B 483 -1.71 -4.07 6.70
N ASN B 484 -2.60 -3.25 6.13
CA ASN B 484 -3.04 -1.97 6.68
C ASN B 484 -4.52 -1.79 6.35
N PHE B 485 -5.36 -2.63 6.98
CA PHE B 485 -6.74 -2.82 6.58
C PHE B 485 -7.58 -1.61 6.99
N TRP B 486 -7.28 -1.06 8.16
CA TRP B 486 -7.98 0.07 8.73
C TRP B 486 -7.31 1.36 8.26
N THR B 487 -8.09 2.20 7.59
CA THR B 487 -7.57 3.35 6.95
C THR B 487 -8.07 4.61 7.68
N ASN B 488 -7.65 5.76 7.16
CA ASN B 488 -7.86 7.05 7.76
C ASN B 488 -9.31 7.22 8.26
N GLY B 489 -10.29 6.93 7.39
CA GLY B 489 -11.70 7.04 7.75
C GLY B 489 -12.06 6.27 9.03
N SER B 490 -11.56 5.04 9.12
CA SER B 490 -11.79 4.18 10.28
C SER B 490 -11.14 4.71 11.57
N TYR B 491 -9.92 5.24 11.52
CA TYR B 491 -9.33 5.84 12.71
C TYR B 491 -10.12 7.09 13.14
N TYR B 492 -10.53 7.93 12.20
CA TYR B 492 -11.36 9.11 12.55
C TYR B 492 -12.65 8.65 13.22
N CYS B 493 -13.28 7.60 12.69
CA CYS B 493 -14.54 7.09 13.23
C CYS B 493 -14.39 6.78 14.72
N ILE B 494 -13.31 6.06 15.08
CA ILE B 494 -13.14 5.58 16.43
C ILE B 494 -12.61 6.73 17.32
N PHE B 495 -11.56 7.43 16.88
CA PHE B 495 -10.93 8.49 17.69
C PHE B 495 -11.91 9.63 17.89
N ALA B 496 -12.45 10.15 16.78
CA ALA B 496 -13.36 11.28 16.80
C ALA B 496 -14.68 10.88 17.45
N GLY B 497 -15.14 9.65 17.19
CA GLY B 497 -16.36 9.16 17.83
C GLY B 497 -16.27 9.17 19.36
N LEU B 498 -15.12 8.73 19.89
CA LEU B 498 -14.92 8.63 21.32
C LEU B 498 -14.56 9.99 21.95
N GLY B 499 -14.20 10.98 21.13
CA GLY B 499 -13.91 12.29 21.62
C GLY B 499 -12.44 12.67 21.53
N LEU B 500 -11.57 11.79 21.03
CA LEU B 500 -10.17 12.17 20.78
C LEU B 500 -10.08 12.97 19.48
N MET B 501 -9.71 14.24 19.59
CA MET B 501 -9.58 15.11 18.45
C MET B 501 -8.10 15.36 18.14
N PRO B 502 -7.75 15.78 16.92
CA PRO B 502 -6.41 16.31 16.69
C PRO B 502 -6.14 17.51 17.60
N ARG B 503 -4.86 17.76 17.87
CA ARG B 503 -4.46 18.90 18.64
C ARG B 503 -4.79 20.21 17.90
N ASN B 504 -4.62 20.21 16.57
CA ASN B 504 -4.91 21.37 15.77
C ASN B 504 -5.29 20.92 14.37
N PRO B 505 -5.90 21.78 13.54
CA PRO B 505 -6.15 21.43 12.14
C PRO B 505 -4.85 21.10 11.39
N LEU B 506 -4.98 20.34 10.29
CA LEU B 506 -3.89 20.17 9.35
C LEU B 506 -3.40 21.55 8.92
N PRO B 507 -2.12 21.92 9.16
CA PRO B 507 -1.67 23.27 8.85
C PRO B 507 -1.80 23.70 7.37
N ALA B 508 -1.67 22.73 6.44
CA ALA B 508 -1.77 23.02 5.03
C ALA B 508 -3.11 23.72 4.71
N LEU B 509 -4.15 23.39 5.49
CA LEU B 509 -5.46 23.91 5.18
C LEU B 509 -5.51 25.44 5.28
N ALA B 510 -4.66 26.04 6.11
CA ALA B 510 -4.74 27.48 6.32
C ALA B 510 -4.27 28.22 5.06
N TYR B 511 -3.60 27.51 4.13
CA TYR B 511 -3.03 28.11 2.93
C TYR B 511 -3.91 27.85 1.69
N LYS B 512 -5.12 27.30 1.90
CA LYS B 512 -5.90 26.66 0.82
C LYS B 512 -7.36 27.09 0.85
N PRO B 513 -7.65 28.42 0.77
CA PRO B 513 -9.02 28.90 0.76
C PRO B 513 -9.88 28.21 -0.32
N GLN B 514 -9.32 27.91 -1.51
CA GLN B 514 -10.10 27.35 -2.59
C GLN B 514 -10.48 25.90 -2.24
N SER B 515 -9.58 25.19 -1.56
CA SER B 515 -9.83 23.79 -1.19
C SER B 515 -10.90 23.69 -0.07
N ILE B 516 -10.80 24.57 0.93
CA ILE B 516 -11.82 24.67 1.95
C ILE B 516 -13.19 24.88 1.31
N ALA B 517 -13.27 25.79 0.32
CA ALA B 517 -14.53 26.07 -0.44
C ALA B 517 -15.02 24.82 -1.17
N GLU B 518 -14.09 24.09 -1.79
CA GLU B 518 -14.38 22.86 -2.44
C GLU B 518 -14.98 21.86 -1.42
N ALA B 519 -14.38 21.75 -0.24
CA ALA B 519 -14.83 20.78 0.76
C ALA B 519 -16.23 21.15 1.28
N GLU B 520 -16.58 22.44 1.35
CA GLU B 520 -17.93 22.87 1.70
C GLU B 520 -18.94 22.28 0.70
N LEU B 521 -18.57 22.23 -0.57
CA LEU B 521 -19.46 21.63 -1.57
C LEU B 521 -19.64 20.14 -1.24
N LEU B 522 -18.53 19.49 -0.84
CA LEU B 522 -18.56 18.07 -0.49
C LEU B 522 -19.46 17.80 0.72
N PHE B 523 -19.44 18.68 1.72
CA PHE B 523 -20.27 18.49 2.91
C PHE B 523 -21.76 18.57 2.51
N ALA B 524 -22.10 19.55 1.67
CA ALA B 524 -23.46 19.71 1.14
C ALA B 524 -23.83 18.46 0.33
N ASP B 525 -22.86 17.91 -0.39
CA ASP B 525 -23.06 16.70 -1.22
C ASP B 525 -23.47 15.53 -0.31
N VAL B 526 -22.80 15.40 0.83
CA VAL B 526 -23.10 14.36 1.83
C VAL B 526 -24.52 14.54 2.38
N LYS B 527 -24.86 15.75 2.83
CA LYS B 527 -26.19 16.01 3.36
C LYS B 527 -27.24 15.58 2.33
N ARG B 528 -26.99 15.89 1.05
CA ARG B 528 -27.98 15.72 -0.01
C ARG B 528 -28.16 14.25 -0.39
N LYS B 529 -27.04 13.54 -0.51
CA LYS B 529 -27.03 12.10 -0.69
C LYS B 529 -27.88 11.46 0.42
N GLY B 530 -27.64 11.88 1.65
CA GLY B 530 -28.38 11.43 2.79
C GLY B 530 -29.88 11.52 2.56
N ASP B 531 -30.34 12.71 2.21
CA ASP B 531 -31.78 12.99 2.02
C ASP B 531 -32.34 12.24 0.79
N THR B 532 -31.70 12.42 -0.36
CA THR B 532 -32.02 11.80 -1.66
C THR B 532 -32.15 10.27 -1.51
N LEU B 533 -31.14 9.66 -0.89
CA LEU B 533 -31.08 8.22 -0.76
C LEU B 533 -32.08 7.73 0.28
N VAL B 534 -32.21 8.42 1.42
CA VAL B 534 -33.17 8.03 2.46
C VAL B 534 -34.60 8.04 1.85
N GLU B 535 -34.89 8.99 0.97
CA GLU B 535 -36.21 9.09 0.40
C GLU B 535 -36.43 7.92 -0.58
N SER B 536 -35.42 7.55 -1.37
CA SER B 536 -35.69 6.69 -2.48
C SER B 536 -35.28 5.23 -2.19
N LEU B 537 -34.44 4.98 -1.17
CA LEU B 537 -34.04 3.59 -0.83
C LEU B 537 -35.20 2.81 -0.20
N PRO B 538 -35.19 1.46 -0.31
CA PRO B 538 -36.10 0.63 0.46
C PRO B 538 -35.60 0.45 1.90
N SER B 539 -36.50 0.15 2.85
CA SER B 539 -36.09 -0.30 4.17
C SER B 539 -35.19 -1.54 4.02
N THR B 540 -34.27 -1.73 4.96
CA THR B 540 -33.51 -2.97 5.01
C THR B 540 -34.48 -4.16 5.07
N TYR B 541 -35.52 -4.05 5.89
CA TYR B 541 -36.53 -5.10 6.05
C TYR B 541 -37.12 -5.48 4.67
N ASP B 542 -37.59 -4.49 3.92
CA ASP B 542 -38.18 -4.76 2.63
C ASP B 542 -37.16 -5.39 1.68
N LEU B 543 -35.90 -4.94 1.67
CA LEU B 543 -34.94 -5.51 0.78
C LEU B 543 -34.66 -6.98 1.15
N LEU B 544 -34.59 -7.28 2.45
CA LEU B 544 -34.33 -8.66 2.88
C LEU B 544 -35.49 -9.58 2.48
N ARG B 545 -36.71 -9.09 2.67
CA ARG B 545 -37.88 -9.91 2.31
C ARG B 545 -37.84 -10.23 0.82
N GLN B 546 -37.43 -9.30 -0.02
CA GLN B 546 -37.30 -9.53 -1.47
C GLN B 546 -36.16 -10.52 -1.76
N LEU B 547 -34.99 -10.27 -1.17
CA LEU B 547 -33.82 -11.09 -1.37
C LEU B 547 -34.12 -12.54 -0.98
N HIS B 548 -34.69 -12.75 0.22
CA HIS B 548 -34.91 -14.08 0.80
C HIS B 548 -36.21 -14.72 0.27
N GLY B 549 -36.98 -14.01 -0.56
CA GLY B 549 -38.22 -14.56 -1.16
C GLY B 549 -39.18 -15.01 -0.08
N ALA B 550 -39.46 -14.08 0.85
CA ALA B 550 -40.46 -14.26 1.91
C ALA B 550 -41.86 -14.07 1.31
N SER B 551 -42.85 -14.77 1.88
CA SER B 551 -44.24 -14.68 1.42
C SER B 551 -45.17 -15.18 2.53
PA FAD C . 21.54 21.81 -9.58
O1A FAD C . 21.11 21.64 -11.02
O2A FAD C . 22.96 21.61 -9.06
O5B FAD C . 21.20 23.33 -9.27
C5B FAD C . 21.59 23.94 -8.06
C4B FAD C . 21.14 25.39 -8.08
O4B FAD C . 21.57 26.02 -6.87
C3B FAD C . 21.74 26.21 -9.21
O3B FAD C . 20.78 27.15 -9.72
C2B FAD C . 22.82 27.03 -8.50
O2B FAD C . 23.09 28.23 -9.15
C1B FAD C . 22.12 27.28 -7.19
N9A FAD C . 23.07 27.80 -6.21
C8A FAD C . 24.14 27.14 -5.69
N7A FAD C . 24.80 27.95 -4.83
C5A FAD C . 24.16 29.12 -4.84
C6A FAD C . 24.36 30.37 -4.17
N6A FAD C . 25.41 30.49 -3.33
N1A FAD C . 23.50 31.36 -4.46
C2A FAD C . 22.44 31.23 -5.32
N3A FAD C . 22.20 30.09 -5.99
C4A FAD C . 23.01 29.03 -5.76
N1 FAD C . 17.50 12.58 -12.48
C2 FAD C . 16.57 12.01 -13.33
O2 FAD C . 15.35 12.02 -13.03
N3 FAD C . 16.91 11.40 -14.49
C4 FAD C . 18.17 11.31 -14.95
O4 FAD C . 18.43 10.78 -16.08
C4X FAD C . 19.24 11.88 -14.10
N5 FAD C . 20.55 11.83 -14.49
C5X FAD C . 21.53 12.34 -13.70
C6 FAD C . 22.86 12.23 -14.07
C7 FAD C . 23.88 12.73 -13.29
C7M FAD C . 25.31 12.63 -13.74
C8 FAD C . 23.55 13.41 -12.03
C8M FAD C . 24.65 13.98 -11.18
C9 FAD C . 22.23 13.53 -11.62
C9A FAD C . 21.19 13.00 -12.40
N10 FAD C . 19.83 13.06 -12.01
C10 FAD C . 18.82 12.52 -12.82
C1' FAD C . 19.44 13.81 -10.80
C2' FAD C . 19.03 15.19 -11.46
O2' FAD C . 20.07 15.82 -12.25
C3' FAD C . 18.63 16.30 -10.48
O3' FAD C . 17.65 15.75 -9.63
C4' FAD C . 18.06 17.60 -11.07
O4' FAD C . 18.86 18.20 -12.08
C5' FAD C . 17.94 18.66 -9.98
O5' FAD C . 19.21 19.23 -9.64
P FAD C . 19.19 20.39 -8.54
O1P FAD C . 18.96 19.74 -7.17
O2P FAD C . 18.29 21.45 -9.13
O3P FAD C . 20.72 20.92 -8.48
P AMP D . -14.78 -25.67 18.10
O1P AMP D . -14.12 -26.14 19.39
O2P AMP D . -14.31 -24.30 17.60
O3P AMP D . -16.29 -25.93 18.00
O5' AMP D . -14.16 -26.71 17.04
C5' AMP D . -13.90 -26.37 15.68
C4' AMP D . -13.98 -27.69 14.90
O4' AMP D . -12.97 -28.62 15.32
C3' AMP D . -15.32 -28.39 15.12
O3' AMP D . -15.75 -28.84 13.85
C2' AMP D . -15.03 -29.56 16.05
O2' AMP D . -15.91 -30.69 15.93
C1' AMP D . -13.62 -29.88 15.56
N9 AMP D . -12.91 -30.71 16.55
C8 AMP D . -12.53 -30.38 17.81
N7 AMP D . -11.92 -31.43 18.41
C5 AMP D . -11.92 -32.44 17.51
C6 AMP D . -11.43 -33.82 17.48
N6 AMP D . -10.81 -34.32 18.57
N1 AMP D . -11.64 -34.53 16.34
C2 AMP D . -12.25 -34.04 15.23
N3 AMP D . -12.71 -32.77 15.16
C4 AMP D . -12.57 -31.96 16.27
#